data_4NP6
#
_entry.id   4NP6
#
_cell.length_a   101.617
_cell.length_b   101.617
_cell.length_c   89.637
_cell.angle_alpha   90.00
_cell.angle_beta   90.00
_cell.angle_gamma   90.00
#
_symmetry.space_group_name_H-M   'P 43'
#
loop_
_entity.id
_entity.type
_entity.pdbx_description
1 polymer 'Adenylate kinase'
2 water water
#
_entity_poly.entity_id   1
_entity_poly.type   'polypeptide(L)'
_entity_poly.pdbx_seq_one_letter_code
;SNA(MSE)RIILLGAPGAGKGTQAQFI(MSE)EKFGIPQISTGD(MSE)LRAAIKAGTELGKQAKAVIDAGQLVSDDIIL
GLIKERIAQADCEKGFLLDGFPRTIPQADGLKE(MSE)GINVDYVIEFDVADDVIVER(MSE)AGRRAHLPSGRTYHVVY
NPPKVEGKDDVTGEDLVIREDDKEETVRARLNVYHTQTAPLIEYYGKEAAAGKTQYLKFDGTKQVSEVSADIAKALA
;
_entity_poly.pdbx_strand_id   A,B,C,D
#
# COMPACT_ATOMS: atom_id res chain seq x y z
N ASN A 2 -16.81 30.94 -30.75
CA ASN A 2 -16.25 31.19 -29.42
C ASN A 2 -16.24 29.94 -28.56
N ALA A 3 -15.80 30.10 -27.32
CA ALA A 3 -15.67 28.99 -26.38
C ALA A 3 -16.22 29.38 -25.01
N MSE A 4 -16.60 28.40 -24.21
CA MSE A 4 -17.24 28.71 -22.93
C MSE A 4 -16.88 27.80 -21.76
O MSE A 4 -17.28 26.64 -21.70
CB MSE A 4 -18.74 28.79 -23.12
CG MSE A 4 -19.29 30.18 -22.91
SE MSE A 4 -19.82 30.28 -21.08
CE MSE A 4 -20.82 28.62 -21.17
N ARG A 5 -16.16 28.36 -20.81
CA ARG A 5 -15.67 27.59 -19.70
C ARG A 5 -16.25 28.19 -18.43
N ILE A 6 -16.82 27.35 -17.57
CA ILE A 6 -17.39 27.82 -16.31
C ILE A 6 -17.03 26.91 -15.12
N ILE A 7 -16.86 27.53 -13.95
CA ILE A 7 -16.77 26.84 -12.67
C ILE A 7 -18.09 27.00 -11.97
N LEU A 8 -18.52 25.99 -11.25
CA LEU A 8 -19.80 26.05 -10.59
C LEU A 8 -19.68 25.63 -9.13
N LEU A 9 -20.14 26.54 -8.26
CA LEU A 9 -20.20 26.31 -6.82
C LEU A 9 -21.63 26.30 -6.32
N GLY A 10 -21.81 25.85 -5.09
CA GLY A 10 -23.14 25.72 -4.56
C GLY A 10 -23.10 24.65 -3.51
N ALA A 11 -24.09 24.65 -2.63
CA ALA A 11 -24.04 23.82 -1.44
C ALA A 11 -24.54 22.40 -1.70
N PRO A 12 -23.96 21.43 -0.96
CA PRO A 12 -24.45 20.04 -0.98
C PRO A 12 -25.93 19.95 -0.60
N GLY A 13 -26.77 19.68 -1.59
CA GLY A 13 -28.20 19.55 -1.35
C GLY A 13 -28.99 20.73 -1.85
N ALA A 14 -28.28 21.76 -2.32
CA ALA A 14 -28.94 22.94 -2.84
C ALA A 14 -29.54 22.60 -4.20
N GLY A 15 -29.12 21.48 -4.77
CA GLY A 15 -29.65 21.02 -6.03
C GLY A 15 -29.16 21.80 -7.23
N LYS A 16 -27.91 22.25 -7.16
CA LYS A 16 -27.34 23.04 -8.24
C LYS A 16 -27.31 22.33 -9.60
N GLY A 17 -27.32 21.01 -9.59
CA GLY A 17 -27.15 20.23 -10.81
C GLY A 17 -28.18 20.51 -11.89
N THR A 18 -29.29 21.08 -11.46
CA THR A 18 -30.39 21.34 -12.37
C THR A 18 -30.02 22.43 -13.36
N GLN A 19 -29.17 23.33 -12.90
CA GLN A 19 -28.67 24.41 -13.71
C GLN A 19 -27.38 24.06 -14.46
N ALA A 20 -26.62 23.10 -13.94
CA ALA A 20 -25.45 22.59 -14.65
C ALA A 20 -25.93 21.94 -15.93
N GLN A 21 -27.00 21.20 -15.78
CA GLN A 21 -27.58 20.44 -16.86
C GLN A 21 -28.32 21.38 -17.78
N PHE A 22 -28.73 22.52 -17.25
CA PHE A 22 -29.31 23.55 -18.10
C PHE A 22 -28.22 24.27 -18.90
N ILE A 23 -27.17 24.68 -18.20
CA ILE A 23 -26.03 25.30 -18.85
C ILE A 23 -25.55 24.37 -19.92
N MSE A 24 -25.41 23.10 -19.53
CA MSE A 24 -25.13 22.03 -20.46
C MSE A 24 -25.95 22.20 -21.73
O MSE A 24 -25.41 22.57 -22.76
CB MSE A 24 -25.44 20.71 -19.80
CG MSE A 24 -24.25 19.83 -19.59
SE MSE A 24 -24.73 17.97 -19.81
CE MSE A 24 -26.06 18.18 -21.24
N GLU A 25 -27.26 21.95 -21.64
CA GLU A 25 -28.12 22.07 -22.82
C GLU A 25 -27.87 23.38 -23.51
N LYS A 26 -28.12 24.46 -22.78
CA LYS A 26 -28.19 25.81 -23.34
C LYS A 26 -26.92 26.25 -24.05
N PHE A 27 -25.77 25.95 -23.46
CA PHE A 27 -24.51 26.36 -24.05
C PHE A 27 -23.81 25.18 -24.70
N GLY A 28 -24.33 23.97 -24.48
CA GLY A 28 -23.76 22.78 -25.09
C GLY A 28 -22.36 22.40 -24.63
N ILE A 29 -22.10 22.44 -23.33
CA ILE A 29 -20.79 22.10 -22.80
C ILE A 29 -20.93 21.04 -21.72
N PRO A 30 -20.02 20.06 -21.66
CA PRO A 30 -20.36 18.91 -20.81
C PRO A 30 -20.19 19.18 -19.32
N GLN A 31 -20.66 18.24 -18.51
CA GLN A 31 -20.43 18.27 -17.08
C GLN A 31 -19.22 17.42 -16.75
N ILE A 32 -18.37 17.96 -15.89
CA ILE A 32 -17.17 17.27 -15.44
C ILE A 32 -17.24 17.28 -13.94
N SER A 33 -17.62 16.15 -13.37
CA SER A 33 -17.55 16.01 -11.93
C SER A 33 -16.18 15.51 -11.64
N THR A 34 -15.47 16.24 -10.80
CA THR A 34 -14.18 15.80 -10.30
C THR A 34 -14.21 14.37 -9.83
N GLY A 35 -15.25 14.01 -9.08
CA GLY A 35 -15.41 12.66 -8.57
C GLY A 35 -15.78 11.62 -9.60
N ASP A 36 -16.55 12.00 -10.60
CA ASP A 36 -16.91 11.06 -11.65
C ASP A 36 -15.75 10.86 -12.63
N MSE A 37 -15.05 11.94 -12.92
CA MSE A 37 -13.98 11.92 -13.91
C MSE A 37 -12.89 10.98 -13.42
O MSE A 37 -12.31 10.22 -14.18
CB MSE A 37 -13.46 13.35 -14.06
CG MSE A 37 -12.85 13.73 -15.37
SE MSE A 37 -11.76 15.30 -15.04
CE MSE A 37 -11.38 15.00 -13.16
N LEU A 38 -12.65 11.02 -12.11
CA LEU A 38 -11.60 10.21 -11.50
C LEU A 38 -12.03 8.76 -11.31
N ARG A 39 -13.28 8.58 -10.95
CA ARG A 39 -13.86 7.26 -10.83
C ARG A 39 -13.81 6.52 -12.15
N ALA A 40 -14.26 7.20 -13.20
CA ALA A 40 -14.15 6.71 -14.56
C ALA A 40 -12.75 6.21 -14.95
N ALA A 41 -11.73 7.01 -14.63
CA ALA A 41 -10.34 6.75 -15.02
C ALA A 41 -9.76 5.49 -14.38
N ILE A 42 -10.00 5.35 -13.09
CA ILE A 42 -9.52 4.19 -12.35
C ILE A 42 -10.16 2.93 -12.87
N LYS A 43 -11.47 2.99 -13.14
CA LYS A 43 -12.20 1.83 -13.68
C LYS A 43 -11.89 1.54 -15.14
N ALA A 44 -11.40 2.55 -15.85
CA ALA A 44 -11.03 2.32 -17.24
C ALA A 44 -9.55 1.96 -17.36
N GLY A 45 -8.82 2.07 -16.26
CA GLY A 45 -7.43 1.70 -16.24
C GLY A 45 -6.54 2.55 -17.12
N THR A 46 -6.90 3.82 -17.27
CA THR A 46 -6.05 4.73 -18.00
C THR A 46 -4.80 4.97 -17.18
N GLU A 47 -3.74 5.44 -17.84
CA GLU A 47 -2.49 5.76 -17.18
C GLU A 47 -2.72 6.48 -15.87
N LEU A 48 -3.55 7.51 -15.93
CA LEU A 48 -3.87 8.30 -14.75
C LEU A 48 -4.81 7.57 -13.77
N GLY A 49 -5.70 6.73 -14.29
CA GLY A 49 -6.56 5.95 -13.43
C GLY A 49 -5.72 4.98 -12.65
N LYS A 50 -4.67 4.48 -13.31
CA LYS A 50 -3.69 3.60 -12.69
C LYS A 50 -2.99 4.29 -11.52
N GLN A 51 -2.27 5.35 -11.86
CA GLN A 51 -1.49 6.12 -10.91
C GLN A 51 -2.29 6.53 -9.68
N ALA A 52 -3.51 6.97 -9.91
CA ALA A 52 -4.41 7.34 -8.83
C ALA A 52 -4.70 6.10 -8.02
N LYS A 53 -5.10 5.05 -8.73
CA LYS A 53 -5.53 3.81 -8.12
C LYS A 53 -4.39 3.17 -7.33
N ALA A 54 -3.17 3.44 -7.75
CA ALA A 54 -2.01 2.99 -6.98
C ALA A 54 -1.89 3.77 -5.67
N VAL A 55 -2.18 5.06 -5.72
CA VAL A 55 -2.03 5.92 -4.57
C VAL A 55 -3.11 5.53 -3.56
N ILE A 56 -4.32 5.43 -4.08
CA ILE A 56 -5.47 4.98 -3.31
C ILE A 56 -5.25 3.65 -2.58
N ASP A 57 -4.83 2.63 -3.32
CA ASP A 57 -4.62 1.29 -2.78
C ASP A 57 -3.76 1.39 -1.53
N ALA A 58 -2.71 2.20 -1.62
CA ALA A 58 -1.74 2.37 -0.56
C ALA A 58 -2.24 3.25 0.58
N GLY A 59 -3.44 3.81 0.42
CA GLY A 59 -4.04 4.69 1.41
C GLY A 59 -3.37 6.05 1.55
N GLN A 60 -2.97 6.62 0.41
CA GLN A 60 -2.26 7.89 0.43
C GLN A 60 -3.10 8.97 -0.25
N LEU A 61 -2.61 10.22 -0.21
CA LEU A 61 -3.31 11.37 -0.76
C LEU A 61 -2.94 11.64 -2.21
N VAL A 62 -3.95 11.86 -3.05
CA VAL A 62 -3.72 12.07 -4.47
C VAL A 62 -3.15 13.46 -4.77
N SER A 63 -2.04 13.49 -5.49
CA SER A 63 -1.39 14.73 -5.85
C SER A 63 -2.27 15.50 -6.80
N ASP A 64 -2.12 16.81 -6.78
CA ASP A 64 -2.90 17.66 -7.64
C ASP A 64 -2.43 17.53 -9.06
N ASP A 65 -1.13 17.30 -9.24
CA ASP A 65 -0.62 17.09 -10.59
C ASP A 65 -1.43 15.99 -11.23
N ILE A 66 -1.78 14.96 -10.46
CA ILE A 66 -2.62 13.87 -11.00
C ILE A 66 -3.97 14.37 -11.51
N ILE A 67 -4.56 15.30 -10.76
CA ILE A 67 -5.93 15.74 -11.03
C ILE A 67 -6.08 16.64 -12.26
N LEU A 68 -5.18 17.62 -12.40
CA LEU A 68 -5.27 18.58 -13.49
C LEU A 68 -5.02 17.91 -14.82
N GLY A 69 -4.34 16.77 -14.75
CA GLY A 69 -4.02 15.99 -15.93
C GLY A 69 -5.27 15.40 -16.55
N LEU A 70 -6.07 14.76 -15.71
CA LEU A 70 -7.37 14.23 -16.12
C LEU A 70 -8.22 15.29 -16.82
N ILE A 71 -8.29 16.44 -16.17
CA ILE A 71 -8.98 17.62 -16.62
C ILE A 71 -8.30 18.15 -17.85
N LYS A 72 -6.98 18.06 -17.91
CA LYS A 72 -6.29 18.36 -19.15
C LYS A 72 -6.63 17.31 -20.22
N GLU A 73 -6.98 16.12 -19.78
CA GLU A 73 -7.38 15.09 -20.72
C GLU A 73 -8.88 15.15 -20.99
N ARG A 74 -9.63 15.49 -19.95
CA ARG A 74 -11.07 15.63 -20.07
C ARG A 74 -11.44 16.76 -21.03
N ILE A 75 -10.76 17.89 -20.92
CA ILE A 75 -11.06 19.01 -21.80
C ILE A 75 -10.37 18.77 -23.12
N ALA A 76 -9.45 17.82 -23.13
CA ALA A 76 -8.87 17.36 -24.38
C ALA A 76 -9.86 16.43 -25.08
N GLN A 77 -10.97 16.09 -24.43
CA GLN A 77 -11.98 15.32 -25.16
C GLN A 77 -12.53 16.25 -26.22
N ALA A 78 -13.07 15.68 -27.29
CA ALA A 78 -13.65 16.46 -28.40
C ALA A 78 -14.97 17.17 -28.05
N ASP A 79 -15.67 16.68 -27.02
CA ASP A 79 -16.93 17.27 -26.59
C ASP A 79 -16.77 18.62 -25.87
N CYS A 80 -15.53 18.98 -25.58
CA CYS A 80 -15.26 20.21 -24.87
C CYS A 80 -14.92 21.37 -25.79
N GLU A 81 -15.06 21.16 -27.11
CA GLU A 81 -14.66 22.14 -28.12
C GLU A 81 -15.18 23.56 -27.85
N LYS A 82 -16.44 23.64 -27.43
CA LYS A 82 -17.07 24.92 -27.17
C LYS A 82 -16.85 25.32 -25.72
N GLY A 83 -16.29 24.41 -24.94
CA GLY A 83 -15.99 24.72 -23.56
C GLY A 83 -16.47 23.67 -22.61
N PHE A 84 -16.77 24.06 -21.38
CA PHE A 84 -17.14 23.09 -20.37
C PHE A 84 -17.64 23.73 -19.10
N LEU A 85 -18.08 22.88 -18.18
CA LEU A 85 -18.49 23.32 -16.86
C LEU A 85 -17.82 22.48 -15.74
N LEU A 86 -17.14 23.19 -14.83
CA LEU A 86 -16.52 22.60 -13.68
C LEU A 86 -17.41 22.61 -12.45
N ASP A 87 -17.84 21.45 -12.01
CA ASP A 87 -18.74 21.35 -10.87
C ASP A 87 -17.97 21.18 -9.56
N GLY A 88 -18.11 22.18 -8.69
CA GLY A 88 -17.45 22.14 -7.40
C GLY A 88 -15.98 21.83 -7.53
N PHE A 89 -15.30 22.62 -8.36
CA PHE A 89 -13.87 22.52 -8.48
C PHE A 89 -13.35 23.78 -9.11
N PRO A 90 -12.25 24.35 -8.60
CA PRO A 90 -11.29 23.87 -7.61
C PRO A 90 -11.91 23.78 -6.24
N ARG A 91 -11.31 23.02 -5.34
CA ARG A 91 -11.74 23.02 -3.96
C ARG A 91 -10.73 23.77 -3.11
N THR A 92 -9.54 24.03 -3.67
CA THR A 92 -8.50 24.77 -2.94
C THR A 92 -7.88 25.87 -3.78
N ILE A 93 -7.22 26.80 -3.11
CA ILE A 93 -6.51 27.87 -3.81
C ILE A 93 -5.43 27.32 -4.72
N PRO A 94 -4.59 26.41 -4.21
CA PRO A 94 -3.64 25.81 -5.13
C PRO A 94 -4.32 25.16 -6.34
N GLN A 95 -5.54 24.67 -6.19
CA GLN A 95 -6.26 24.15 -7.34
C GLN A 95 -6.72 25.26 -8.26
N ALA A 96 -7.20 26.34 -7.68
CA ALA A 96 -7.44 27.53 -8.47
C ALA A 96 -6.18 27.85 -9.25
N ASP A 97 -5.06 27.98 -8.55
CA ASP A 97 -3.79 28.34 -9.21
C ASP A 97 -3.36 27.34 -10.25
N GLY A 98 -3.56 26.07 -9.92
CA GLY A 98 -3.19 25.00 -10.84
C GLY A 98 -3.91 25.06 -12.17
N LEU A 99 -5.18 25.42 -12.14
CA LEU A 99 -5.97 25.47 -13.35
C LEU A 99 -5.33 26.46 -14.26
N LYS A 100 -5.11 27.65 -13.72
CA LYS A 100 -4.47 28.74 -14.40
C LYS A 100 -3.12 28.29 -14.98
N GLU A 101 -2.28 27.72 -14.13
CA GLU A 101 -0.94 27.30 -14.54
C GLU A 101 -0.92 26.11 -15.47
N MSE A 102 -2.09 25.61 -15.83
CA MSE A 102 -2.16 24.54 -16.80
C MSE A 102 -2.96 25.00 -18.03
O MSE A 102 -3.30 24.19 -18.89
CB MSE A 102 -2.78 23.29 -16.20
CG MSE A 102 -4.29 23.29 -16.14
SE MSE A 102 -4.94 21.48 -16.43
CE MSE A 102 -3.18 20.65 -16.54
N GLY A 103 -3.25 26.28 -18.08
CA GLY A 103 -3.87 26.87 -19.27
C GLY A 103 -5.38 26.95 -19.23
N ILE A 104 -5.92 26.84 -18.03
CA ILE A 104 -7.34 26.87 -17.85
C ILE A 104 -7.79 28.12 -17.09
N ASN A 105 -8.31 29.08 -17.84
CA ASN A 105 -8.67 30.38 -17.30
C ASN A 105 -10.15 30.61 -17.53
N VAL A 106 -10.90 30.69 -16.44
CA VAL A 106 -12.36 30.56 -16.51
C VAL A 106 -13.09 31.88 -16.76
N ASP A 107 -14.07 31.80 -17.65
CA ASP A 107 -14.87 32.92 -18.08
C ASP A 107 -15.78 33.38 -16.97
N TYR A 108 -16.58 32.46 -16.46
CA TYR A 108 -17.51 32.82 -15.43
C TYR A 108 -17.33 31.96 -14.24
N VAL A 109 -17.47 32.57 -13.06
CA VAL A 109 -17.62 31.81 -11.84
C VAL A 109 -19.01 32.06 -11.27
N ILE A 110 -19.87 31.05 -11.33
CA ILE A 110 -21.25 31.17 -10.87
C ILE A 110 -21.46 30.48 -9.51
N GLU A 111 -22.11 31.17 -8.57
CA GLU A 111 -22.42 30.54 -7.28
C GLU A 111 -23.91 30.45 -7.03
N PHE A 112 -24.36 29.21 -6.96
CA PHE A 112 -25.72 28.87 -6.61
C PHE A 112 -25.88 28.88 -5.10
N ASP A 113 -26.40 29.96 -4.51
CA ASP A 113 -26.64 29.89 -3.08
C ASP A 113 -28.09 29.69 -2.69
N VAL A 114 -28.28 28.73 -1.78
CA VAL A 114 -29.55 28.43 -1.16
C VAL A 114 -29.29 28.27 0.33
N ALA A 115 -29.79 29.21 1.14
CA ALA A 115 -29.64 29.24 2.61
C ALA A 115 -29.54 27.85 3.25
N ASP A 116 -28.61 27.68 4.17
CA ASP A 116 -28.44 26.40 4.85
C ASP A 116 -29.75 25.86 5.28
N ASP A 117 -30.55 26.75 5.84
CA ASP A 117 -31.80 26.40 6.48
C ASP A 117 -32.74 25.73 5.53
N VAL A 118 -32.72 26.17 4.28
CA VAL A 118 -33.52 25.59 3.22
C VAL A 118 -33.12 24.16 2.94
N ILE A 119 -31.81 23.93 2.89
CA ILE A 119 -31.25 22.68 2.42
C ILE A 119 -31.55 21.56 3.40
N VAL A 120 -31.42 21.89 4.68
CA VAL A 120 -31.69 20.92 5.73
C VAL A 120 -33.13 20.39 5.63
N GLU A 121 -34.11 21.27 5.49
CA GLU A 121 -35.50 20.87 5.31
C GLU A 121 -35.69 20.05 4.05
N ARG A 122 -34.83 20.26 3.07
CA ARG A 122 -34.93 19.48 1.85
C ARG A 122 -34.40 18.08 2.05
N MSE A 123 -33.23 17.96 2.67
CA MSE A 123 -32.65 16.65 2.99
C MSE A 123 -33.58 15.89 3.88
O MSE A 123 -33.62 14.67 3.86
CB MSE A 123 -31.35 16.83 3.75
CG MSE A 123 -30.34 17.68 3.05
SE MSE A 123 -29.96 16.98 1.30
CE MSE A 123 -31.08 18.20 0.25
N ALA A 124 -34.30 16.62 4.71
CA ALA A 124 -35.09 15.99 5.74
C ALA A 124 -36.25 15.20 5.13
N GLY A 125 -36.61 15.56 3.91
CA GLY A 125 -37.73 14.93 3.24
C GLY A 125 -37.36 13.61 2.59
N ARG A 126 -36.09 13.30 2.56
CA ARG A 126 -35.64 12.11 1.89
C ARG A 126 -35.92 10.86 2.68
N ARG A 127 -36.53 9.87 2.05
CA ARG A 127 -36.63 8.57 2.65
C ARG A 127 -35.86 7.58 1.81
N ALA A 128 -35.79 6.35 2.29
CA ALA A 128 -35.15 5.28 1.55
C ALA A 128 -35.62 3.94 2.08
N HIS A 129 -35.32 2.91 1.31
CA HIS A 129 -35.47 1.51 1.68
C HIS A 129 -34.08 0.90 1.73
N LEU A 130 -33.64 0.54 2.92
CA LEU A 130 -32.28 0.08 3.10
C LEU A 130 -31.88 -1.23 2.37
N PRO A 131 -32.77 -2.23 2.29
CA PRO A 131 -32.28 -3.43 1.62
C PRO A 131 -32.15 -3.31 0.12
N SER A 132 -32.73 -2.28 -0.47
CA SER A 132 -32.69 -2.18 -1.91
C SER A 132 -32.12 -0.86 -2.32
N GLY A 133 -31.93 0.01 -1.33
CA GLY A 133 -31.36 1.32 -1.60
C GLY A 133 -32.21 2.25 -2.47
N ARG A 134 -33.48 1.90 -2.69
CA ARG A 134 -34.37 2.77 -3.46
C ARG A 134 -34.76 3.97 -2.59
N THR A 135 -34.72 5.15 -3.18
CA THR A 135 -34.90 6.41 -2.43
C THR A 135 -36.27 7.05 -2.61
N TYR A 136 -36.61 7.95 -1.70
CA TYR A 136 -37.85 8.72 -1.78
C TYR A 136 -37.66 10.10 -1.17
N HIS A 137 -38.44 11.05 -1.66
CA HIS A 137 -38.57 12.33 -1.01
C HIS A 137 -40.05 12.69 -0.79
N VAL A 138 -40.37 13.22 0.39
CA VAL A 138 -41.77 13.34 0.78
C VAL A 138 -42.52 14.38 -0.02
N VAL A 139 -41.78 15.26 -0.68
CA VAL A 139 -42.37 16.24 -1.54
C VAL A 139 -42.04 15.89 -2.98
N TYR A 140 -40.78 16.00 -3.34
CA TYR A 140 -40.41 16.02 -4.75
C TYR A 140 -40.74 14.74 -5.50
N ASN A 141 -40.77 13.60 -4.81
CA ASN A 141 -41.34 12.37 -5.34
C ASN A 141 -41.74 11.41 -4.24
N PRO A 142 -42.97 11.55 -3.75
CA PRO A 142 -43.48 10.69 -2.70
C PRO A 142 -43.61 9.23 -3.09
N PRO A 143 -43.54 8.35 -2.10
CA PRO A 143 -44.09 7.01 -2.31
C PRO A 143 -45.59 7.16 -2.41
N LYS A 144 -46.27 6.17 -2.98
CA LYS A 144 -47.72 6.25 -3.07
C LYS A 144 -48.32 6.15 -1.69
N VAL A 145 -47.53 5.60 -0.76
CA VAL A 145 -47.93 5.55 0.64
C VAL A 145 -46.82 5.99 1.56
N GLU A 146 -47.12 6.97 2.41
CA GLU A 146 -46.19 7.41 3.46
C GLU A 146 -45.56 6.26 4.25
N GLY A 147 -44.24 6.32 4.41
CA GLY A 147 -43.54 5.40 5.27
C GLY A 147 -43.21 4.06 4.68
N LYS A 148 -43.83 3.73 3.55
CA LYS A 148 -43.67 2.38 2.99
C LYS A 148 -42.99 2.37 1.63
N ASP A 149 -42.19 1.34 1.40
CA ASP A 149 -41.50 1.09 0.14
C ASP A 149 -42.49 0.64 -0.92
N ASP A 150 -42.52 1.34 -2.04
CA ASP A 150 -43.48 1.07 -3.12
C ASP A 150 -43.36 -0.32 -3.76
N VAL A 151 -42.28 -1.04 -3.47
CA VAL A 151 -42.02 -2.32 -4.14
C VAL A 151 -42.19 -3.53 -3.22
N THR A 152 -41.83 -3.36 -1.96
CA THR A 152 -41.84 -4.46 -1.00
C THR A 152 -42.83 -4.21 0.13
N GLY A 153 -43.46 -3.03 0.12
CA GLY A 153 -44.36 -2.65 1.19
C GLY A 153 -43.67 -2.51 2.53
N GLU A 154 -42.35 -2.67 2.54
CA GLU A 154 -41.58 -2.53 3.77
C GLU A 154 -41.43 -1.08 4.14
N ASP A 155 -41.25 -0.80 5.42
CA ASP A 155 -41.24 0.58 5.91
C ASP A 155 -40.04 1.38 5.40
N LEU A 156 -40.18 2.70 5.40
CA LEU A 156 -39.09 3.58 4.98
C LEU A 156 -38.27 4.09 6.14
N VAL A 157 -37.04 4.52 5.86
CA VAL A 157 -36.22 5.19 6.85
C VAL A 157 -35.79 6.56 6.35
N ILE A 158 -35.46 7.42 7.31
CA ILE A 158 -34.70 8.62 7.03
C ILE A 158 -33.23 8.31 7.28
N ARG A 159 -32.41 8.32 6.23
CA ARG A 159 -30.98 8.10 6.40
C ARG A 159 -30.39 9.04 7.45
N GLU A 160 -29.35 8.58 8.13
CA GLU A 160 -28.75 9.39 9.17
C GLU A 160 -28.07 10.59 8.55
N ASP A 161 -27.36 10.35 7.45
CA ASP A 161 -26.64 11.42 6.79
C ASP A 161 -27.59 12.49 6.24
N ASP A 162 -28.88 12.18 6.21
CA ASP A 162 -29.88 13.12 5.70
C ASP A 162 -30.37 14.04 6.81
N LYS A 163 -30.08 13.66 8.05
CA LYS A 163 -30.63 14.35 9.22
C LYS A 163 -29.88 15.63 9.52
N GLU A 164 -30.54 16.53 10.24
CA GLU A 164 -30.03 17.87 10.44
C GLU A 164 -28.61 17.89 10.96
N GLU A 165 -28.38 17.18 12.06
CA GLU A 165 -27.06 17.12 12.67
C GLU A 165 -25.97 16.88 11.63
N THR A 166 -26.19 15.90 10.78
CA THR A 166 -25.19 15.47 9.82
C THR A 166 -25.08 16.45 8.66
N VAL A 167 -26.23 16.89 8.16
CA VAL A 167 -26.22 17.83 7.05
C VAL A 167 -25.62 19.12 7.53
N ARG A 168 -25.99 19.56 8.72
CA ARG A 168 -25.39 20.78 9.25
C ARG A 168 -23.86 20.69 9.35
N ALA A 169 -23.34 19.57 9.84
CA ALA A 169 -21.89 19.43 9.93
C ALA A 169 -21.31 19.55 8.54
N ARG A 170 -21.93 18.87 7.59
CA ARG A 170 -21.50 18.88 6.20
C ARG A 170 -21.43 20.29 5.66
N LEU A 171 -22.45 21.06 5.98
CA LEU A 171 -22.61 22.38 5.42
C LEU A 171 -21.51 23.32 5.90
N ASN A 172 -21.08 23.18 7.16
CA ASN A 172 -20.09 24.09 7.71
C ASN A 172 -18.72 23.95 7.07
N VAL A 173 -18.43 22.75 6.58
CA VAL A 173 -17.15 22.44 5.97
C VAL A 173 -17.07 23.05 4.60
N TYR A 174 -18.14 22.90 3.84
CA TYR A 174 -18.25 23.48 2.51
C TYR A 174 -18.02 24.97 2.59
N HIS A 175 -18.77 25.64 3.47
CA HIS A 175 -18.65 27.07 3.69
C HIS A 175 -17.24 27.42 4.07
N THR A 176 -16.73 26.72 5.08
CA THR A 176 -15.35 26.90 5.57
C THR A 176 -14.34 26.72 4.46
N GLN A 177 -14.54 25.70 3.63
CA GLN A 177 -13.64 25.51 2.52
C GLN A 177 -13.83 26.51 1.38
N THR A 178 -15.07 26.81 1.01
CA THR A 178 -15.39 27.66 -0.15
C THR A 178 -15.05 29.15 -0.05
N ALA A 179 -15.28 29.71 1.13
CA ALA A 179 -15.07 31.15 1.35
C ALA A 179 -13.83 31.77 0.70
N PRO A 180 -12.68 31.06 0.72
CA PRO A 180 -11.50 31.69 0.11
C PRO A 180 -11.55 31.64 -1.38
N LEU A 181 -12.38 30.79 -1.93
CA LEU A 181 -12.43 30.69 -3.36
C LEU A 181 -13.34 31.78 -3.80
N ILE A 182 -14.38 31.95 -3.01
CA ILE A 182 -15.27 33.05 -3.20
C ILE A 182 -14.40 34.29 -3.18
N GLU A 183 -13.57 34.35 -2.15
CA GLU A 183 -12.66 35.46 -1.95
C GLU A 183 -11.65 35.54 -3.09
N TYR A 184 -11.04 34.41 -3.44
CA TYR A 184 -10.05 34.34 -4.54
C TYR A 184 -10.62 34.83 -5.87
N TYR A 185 -11.73 34.26 -6.31
CA TYR A 185 -12.25 34.62 -7.62
C TYR A 185 -13.02 35.92 -7.59
N GLY A 186 -13.58 36.23 -6.42
CA GLY A 186 -14.15 37.54 -6.17
C GLY A 186 -13.06 38.59 -6.35
N LYS A 187 -11.85 38.22 -5.97
CA LYS A 187 -10.71 39.06 -6.26
C LYS A 187 -10.36 39.06 -7.75
N GLU A 188 -10.42 37.91 -8.39
CA GLU A 188 -10.18 37.86 -9.83
C GLU A 188 -11.23 38.70 -10.53
N ALA A 189 -12.47 38.60 -10.09
CA ALA A 189 -13.55 39.24 -10.82
C ALA A 189 -13.52 40.75 -10.67
N ALA A 190 -13.16 41.20 -9.47
CA ALA A 190 -13.13 42.62 -9.18
C ALA A 190 -12.14 43.27 -10.13
N ALA A 191 -11.07 42.54 -10.40
CA ALA A 191 -10.05 42.97 -11.33
C ALA A 191 -10.40 42.46 -12.72
N GLY A 192 -11.69 42.31 -12.99
CA GLY A 192 -12.17 41.89 -14.30
C GLY A 192 -11.53 40.64 -14.87
N LYS A 193 -10.74 39.91 -14.07
CA LYS A 193 -10.07 38.69 -14.51
C LYS A 193 -11.06 37.60 -14.88
N THR A 194 -12.20 37.60 -14.19
CA THR A 194 -13.22 36.61 -14.40
C THR A 194 -14.51 37.35 -14.12
N GLN A 195 -15.63 36.76 -14.47
CA GLN A 195 -16.90 37.33 -14.04
C GLN A 195 -17.50 36.44 -12.97
N TYR A 196 -17.68 37.01 -11.79
CA TYR A 196 -18.26 36.29 -10.67
C TYR A 196 -19.74 36.68 -10.58
N LEU A 197 -20.60 35.66 -10.50
CA LEU A 197 -22.06 35.84 -10.50
C LEU A 197 -22.74 35.01 -9.43
N LYS A 198 -23.56 35.66 -8.62
CA LYS A 198 -24.34 34.93 -7.63
C LYS A 198 -25.84 34.89 -7.95
N PHE A 199 -26.42 33.70 -7.89
CA PHE A 199 -27.82 33.49 -8.19
C PHE A 199 -28.60 32.94 -7.02
N ASP A 200 -29.78 33.48 -6.82
CA ASP A 200 -30.73 33.01 -5.83
C ASP A 200 -31.34 31.71 -6.35
N GLY A 201 -31.00 30.60 -5.70
CA GLY A 201 -31.43 29.30 -6.15
C GLY A 201 -32.78 28.86 -5.62
N THR A 202 -33.49 29.75 -4.92
CA THR A 202 -34.84 29.44 -4.47
C THR A 202 -35.91 29.98 -5.43
N LYS A 203 -35.47 30.79 -6.40
CA LYS A 203 -36.32 31.23 -7.50
C LYS A 203 -36.60 30.02 -8.39
N GLN A 204 -37.72 30.00 -9.10
CA GLN A 204 -38.04 28.82 -9.91
C GLN A 204 -36.96 28.61 -10.95
N VAL A 205 -36.66 27.34 -11.23
CA VAL A 205 -35.66 26.98 -12.22
C VAL A 205 -35.73 27.81 -13.48
N SER A 206 -36.92 27.98 -14.01
CA SER A 206 -37.12 28.75 -15.23
C SER A 206 -36.61 30.16 -15.02
N GLU A 207 -36.87 30.70 -13.84
CA GLU A 207 -36.37 32.02 -13.48
C GLU A 207 -34.83 32.04 -13.36
N VAL A 208 -34.24 31.14 -12.59
CA VAL A 208 -32.80 31.18 -12.39
C VAL A 208 -32.09 30.98 -13.71
N SER A 209 -32.62 30.05 -14.49
CA SER A 209 -32.13 29.77 -15.82
C SER A 209 -32.15 31.01 -16.67
N ALA A 210 -33.15 31.84 -16.46
CA ALA A 210 -33.24 33.09 -17.19
C ALA A 210 -32.02 33.94 -16.89
N ASP A 211 -31.96 34.51 -15.67
CA ASP A 211 -30.88 35.42 -15.25
C ASP A 211 -29.50 34.93 -15.63
N ILE A 212 -29.35 33.61 -15.63
CA ILE A 212 -28.09 32.97 -15.93
C ILE A 212 -27.71 33.22 -17.37
N ALA A 213 -28.66 32.99 -18.26
CA ALA A 213 -28.47 33.27 -19.67
C ALA A 213 -28.20 34.77 -19.92
N LYS A 214 -28.90 35.62 -19.18
CA LYS A 214 -28.82 37.06 -19.37
C LYS A 214 -27.41 37.54 -19.15
N ALA A 215 -26.84 37.03 -18.08
CA ALA A 215 -25.49 37.37 -17.70
C ALA A 215 -24.53 36.94 -18.80
N LEU A 216 -24.65 35.70 -19.22
CA LEU A 216 -23.67 35.11 -20.12
C LEU A 216 -23.91 35.52 -21.56
N ALA A 217 -23.90 36.83 -21.81
CA ALA A 217 -24.23 37.34 -23.13
C ALA A 217 -22.99 37.59 -23.99
N ALA B 3 -9.00 -12.35 -28.55
CA ALA B 3 -9.89 -11.52 -27.71
C ALA B 3 -10.74 -12.30 -26.69
N MSE B 4 -10.83 -11.75 -25.46
CA MSE B 4 -11.49 -12.38 -24.30
C MSE B 4 -12.54 -11.45 -23.60
O MSE B 4 -12.19 -10.44 -22.98
CB MSE B 4 -10.43 -12.87 -23.28
CG MSE B 4 -10.84 -14.02 -22.33
SE MSE B 4 -9.44 -14.70 -21.08
CE MSE B 4 -8.61 -16.10 -22.16
N ARG B 5 -13.83 -11.78 -23.72
CA ARG B 5 -14.88 -10.97 -23.10
C ARG B 5 -15.48 -11.66 -21.88
N ILE B 6 -15.79 -10.87 -20.86
CA ILE B 6 -16.03 -11.38 -19.51
C ILE B 6 -17.19 -10.75 -18.72
N ILE B 7 -17.95 -11.58 -18.02
CA ILE B 7 -18.98 -11.13 -17.08
C ILE B 7 -18.72 -11.49 -15.63
N LEU B 8 -18.72 -10.46 -14.79
CA LEU B 8 -18.56 -10.66 -13.36
C LEU B 8 -19.92 -10.68 -12.63
N LEU B 9 -20.18 -11.76 -11.89
CA LEU B 9 -21.39 -11.90 -11.09
C LEU B 9 -20.99 -11.98 -9.65
N GLY B 10 -21.57 -11.16 -8.80
CA GLY B 10 -21.16 -11.16 -7.41
C GLY B 10 -22.03 -10.33 -6.51
N ALA B 11 -22.27 -10.86 -5.31
CA ALA B 11 -23.06 -10.19 -4.32
C ALA B 11 -22.45 -8.84 -4.00
N PRO B 12 -23.31 -7.86 -3.71
CA PRO B 12 -22.90 -6.54 -3.23
C PRO B 12 -22.12 -6.67 -1.92
N GLY B 13 -20.98 -6.01 -1.85
CA GLY B 13 -20.21 -5.99 -0.62
C GLY B 13 -19.33 -7.21 -0.43
N ALA B 14 -19.52 -8.22 -1.26
CA ALA B 14 -18.65 -9.37 -1.21
C ALA B 14 -17.30 -8.94 -1.77
N GLY B 15 -17.23 -7.71 -2.25
CA GLY B 15 -16.04 -7.19 -2.88
C GLY B 15 -15.55 -7.83 -4.16
N LYS B 16 -16.50 -8.11 -5.05
CA LYS B 16 -16.23 -8.54 -6.41
C LYS B 16 -15.47 -7.48 -7.14
N GLY B 17 -15.68 -6.24 -6.75
CA GLY B 17 -15.02 -5.13 -7.40
C GLY B 17 -13.53 -5.28 -7.27
N THR B 18 -13.12 -5.94 -6.20
CA THR B 18 -11.72 -6.15 -5.95
C THR B 18 -11.00 -7.00 -7.03
N GLN B 19 -11.60 -8.12 -7.43
CA GLN B 19 -11.07 -8.92 -8.53
C GLN B 19 -11.28 -8.31 -9.91
N ALA B 20 -12.31 -7.47 -10.02
CA ALA B 20 -12.61 -6.77 -11.24
C ALA B 20 -11.44 -5.84 -11.57
N GLN B 21 -10.79 -5.32 -10.54
CA GLN B 21 -9.63 -4.46 -10.75
C GLN B 21 -8.39 -5.30 -11.00
N PHE B 22 -8.27 -6.43 -10.32
CA PHE B 22 -7.14 -7.31 -10.57
C PHE B 22 -7.08 -7.66 -12.03
N ILE B 23 -8.21 -8.13 -12.53
CA ILE B 23 -8.26 -8.60 -13.89
C ILE B 23 -7.86 -7.49 -14.84
N MSE B 24 -8.38 -6.29 -14.60
CA MSE B 24 -8.07 -5.17 -15.46
C MSE B 24 -6.57 -4.88 -15.47
O MSE B 24 -5.99 -4.64 -16.52
CB MSE B 24 -8.78 -3.92 -14.97
CG MSE B 24 -8.42 -2.70 -15.77
SE MSE B 24 -9.19 -1.12 -15.04
CE MSE B 24 -7.97 -0.87 -13.53
N GLU B 25 -5.98 -4.91 -14.28
CA GLU B 25 -4.55 -4.68 -14.11
C GLU B 25 -3.82 -5.81 -14.77
N LYS B 26 -4.19 -7.04 -14.43
CA LYS B 26 -3.50 -8.21 -14.89
C LYS B 26 -3.65 -8.45 -16.40
N PHE B 27 -4.82 -8.14 -16.94
CA PHE B 27 -5.09 -8.48 -18.32
C PHE B 27 -5.37 -7.29 -19.25
N GLY B 28 -5.42 -6.06 -18.72
CA GLY B 28 -5.51 -4.86 -19.55
C GLY B 28 -6.84 -4.54 -20.24
N ILE B 29 -7.93 -4.96 -19.63
CA ILE B 29 -9.25 -4.66 -20.17
C ILE B 29 -9.99 -3.85 -19.13
N PRO B 30 -10.75 -2.85 -19.57
CA PRO B 30 -11.47 -1.93 -18.69
C PRO B 30 -12.62 -2.58 -17.94
N GLN B 31 -12.91 -2.05 -16.75
CA GLN B 31 -14.11 -2.46 -16.03
C GLN B 31 -15.25 -1.53 -16.45
N ILE B 32 -16.32 -2.15 -16.92
CA ILE B 32 -17.49 -1.44 -17.38
C ILE B 32 -18.66 -1.53 -16.38
N SER B 33 -18.95 -0.42 -15.70
CA SER B 33 -20.08 -0.35 -14.78
C SER B 33 -21.20 0.44 -15.42
N THR B 34 -22.37 -0.17 -15.55
CA THR B 34 -23.50 0.48 -16.21
C THR B 34 -23.90 1.80 -15.60
N GLY B 35 -24.13 1.80 -14.28
CA GLY B 35 -24.37 3.02 -13.55
C GLY B 35 -23.38 4.08 -13.95
N ASP B 36 -22.11 3.85 -13.64
CA ASP B 36 -21.07 4.82 -13.97
C ASP B 36 -21.12 5.26 -15.44
N MSE B 37 -21.04 4.29 -16.35
CA MSE B 37 -21.20 4.55 -17.77
C MSE B 37 -22.44 5.39 -18.08
O MSE B 37 -22.41 6.29 -18.92
CB MSE B 37 -21.26 3.20 -18.51
CG MSE B 37 -21.65 3.26 -19.93
SE MSE B 37 -22.13 1.47 -20.49
CE MSE B 37 -21.70 0.58 -18.86
N LEU B 38 -23.52 5.14 -17.35
CA LEU B 38 -24.77 5.87 -17.52
C LEU B 38 -24.64 7.28 -16.99
N ARG B 39 -24.11 7.42 -15.77
CA ARG B 39 -23.92 8.73 -15.14
C ARG B 39 -23.00 9.64 -15.94
N ALA B 40 -22.07 9.04 -16.65
CA ALA B 40 -21.11 9.82 -17.43
C ALA B 40 -21.66 10.35 -18.75
N ALA B 41 -22.56 9.58 -19.37
CA ALA B 41 -23.19 9.99 -20.62
C ALA B 41 -24.14 11.14 -20.34
N ILE B 42 -24.80 11.05 -19.20
CA ILE B 42 -25.68 12.09 -18.74
C ILE B 42 -24.95 13.40 -18.54
N LYS B 43 -23.83 13.34 -17.81
CA LYS B 43 -23.02 14.50 -17.51
C LYS B 43 -22.30 15.03 -18.73
N ALA B 44 -21.90 14.15 -19.63
CA ALA B 44 -21.37 14.54 -20.91
C ALA B 44 -22.50 14.99 -21.81
N GLY B 45 -23.71 14.58 -21.49
CA GLY B 45 -24.87 14.99 -22.28
C GLY B 45 -24.85 14.44 -23.69
N THR B 46 -24.47 13.17 -23.82
CA THR B 46 -24.51 12.49 -25.11
C THR B 46 -25.94 12.38 -25.54
N GLU B 47 -26.17 12.14 -26.82
CA GLU B 47 -27.52 12.04 -27.32
C GLU B 47 -28.31 11.07 -26.46
N LEU B 48 -27.63 9.98 -26.12
CA LEU B 48 -28.19 8.97 -25.25
C LEU B 48 -28.17 9.40 -23.78
N GLY B 49 -27.15 10.16 -23.40
CA GLY B 49 -27.05 10.62 -22.04
C GLY B 49 -28.19 11.55 -21.82
N LYS B 50 -28.45 12.38 -22.83
CA LYS B 50 -29.57 13.32 -22.83
C LYS B 50 -30.87 12.56 -22.72
N GLN B 51 -31.03 11.61 -23.62
CA GLN B 51 -32.21 10.77 -23.61
C GLN B 51 -32.45 10.15 -22.22
N ALA B 52 -31.43 9.52 -21.66
CA ALA B 52 -31.56 8.84 -20.39
C ALA B 52 -31.88 9.81 -19.25
N LYS B 53 -31.32 11.01 -19.31
CA LYS B 53 -31.53 11.99 -18.26
C LYS B 53 -33.01 12.31 -18.13
N ALA B 54 -33.70 12.35 -19.26
CA ALA B 54 -35.13 12.64 -19.30
C ALA B 54 -36.00 11.64 -18.53
N VAL B 55 -35.60 10.37 -18.56
CA VAL B 55 -36.29 9.31 -17.85
C VAL B 55 -36.28 9.54 -16.35
N ILE B 56 -35.11 9.89 -15.86
CA ILE B 56 -34.82 10.13 -14.46
C ILE B 56 -35.67 11.24 -13.87
N ASP B 57 -35.77 12.33 -14.59
CA ASP B 57 -36.51 13.49 -14.12
C ASP B 57 -37.99 13.20 -14.16
N ALA B 58 -38.35 12.18 -14.91
CA ALA B 58 -39.73 11.77 -15.00
C ALA B 58 -40.04 10.76 -13.91
N GLY B 59 -39.03 10.36 -13.17
CA GLY B 59 -39.23 9.41 -12.09
C GLY B 59 -39.39 7.98 -12.59
N GLN B 60 -39.03 7.75 -13.86
CA GLN B 60 -39.06 6.42 -14.46
C GLN B 60 -37.73 5.70 -14.39
N LEU B 61 -37.74 4.40 -14.68
CA LEU B 61 -36.52 3.60 -14.86
C LEU B 61 -35.97 3.81 -16.25
N VAL B 62 -34.65 3.81 -16.42
CA VAL B 62 -34.04 3.76 -17.75
C VAL B 62 -34.26 2.39 -18.39
N SER B 63 -34.66 2.38 -19.66
CA SER B 63 -35.00 1.15 -20.35
C SER B 63 -33.81 0.44 -20.99
N ASP B 64 -34.00 -0.84 -21.28
CA ASP B 64 -32.98 -1.72 -21.83
C ASP B 64 -32.31 -1.15 -23.07
N ASP B 65 -33.09 -0.64 -24.01
CA ASP B 65 -32.54 -0.20 -25.28
C ASP B 65 -31.49 0.87 -25.06
N ILE B 66 -31.71 1.67 -24.01
CA ILE B 66 -30.82 2.77 -23.72
C ILE B 66 -29.54 2.29 -23.08
N ILE B 67 -29.66 1.43 -22.08
CA ILE B 67 -28.49 0.77 -21.48
C ILE B 67 -27.68 0.00 -22.51
N LEU B 68 -28.38 -0.79 -23.33
CA LEU B 68 -27.75 -1.56 -24.38
C LEU B 68 -27.05 -0.67 -25.40
N GLY B 69 -27.67 0.47 -25.68
CA GLY B 69 -27.11 1.45 -26.62
C GLY B 69 -25.91 2.16 -26.06
N LEU B 70 -25.77 2.17 -24.73
CA LEU B 70 -24.66 2.83 -24.05
C LEU B 70 -23.47 1.93 -24.00
N ILE B 71 -23.75 0.66 -23.79
CA ILE B 71 -22.72 -0.35 -23.76
C ILE B 71 -22.16 -0.53 -25.16
N LYS B 72 -23.07 -0.61 -26.12
CA LYS B 72 -22.70 -0.67 -27.51
C LYS B 72 -21.72 0.46 -27.77
N GLU B 73 -22.05 1.64 -27.27
CA GLU B 73 -21.21 2.80 -27.44
C GLU B 73 -19.88 2.65 -26.69
N ARG B 74 -19.96 2.28 -25.42
CA ARG B 74 -18.79 2.04 -24.63
C ARG B 74 -17.79 1.10 -25.32
N ILE B 75 -18.21 -0.12 -25.64
CA ILE B 75 -17.27 -1.17 -26.04
C ILE B 75 -16.70 -0.99 -27.42
N ALA B 76 -17.22 -0.02 -28.15
CA ALA B 76 -16.71 0.28 -29.47
C ALA B 76 -15.56 1.24 -29.30
N GLN B 77 -15.28 1.62 -28.06
CA GLN B 77 -14.24 2.60 -27.84
C GLN B 77 -12.90 1.94 -27.95
N ALA B 78 -11.91 2.76 -28.25
CA ALA B 78 -10.52 2.34 -28.35
C ALA B 78 -10.06 1.28 -27.30
N ASP B 79 -10.28 1.57 -26.03
CA ASP B 79 -9.74 0.74 -24.95
C ASP B 79 -10.37 -0.64 -24.83
N CYS B 80 -11.38 -0.92 -25.65
CA CYS B 80 -12.10 -2.19 -25.54
C CYS B 80 -11.76 -3.18 -26.64
N GLU B 81 -10.82 -2.82 -27.52
CA GLU B 81 -10.50 -3.63 -28.70
C GLU B 81 -10.05 -5.03 -28.31
N LYS B 82 -9.25 -5.10 -27.24
CA LYS B 82 -8.77 -6.35 -26.68
C LYS B 82 -9.74 -6.91 -25.64
N GLY B 83 -10.85 -6.22 -25.39
CA GLY B 83 -11.84 -6.69 -24.42
C GLY B 83 -12.18 -5.76 -23.27
N PHE B 84 -13.10 -6.22 -22.41
CA PHE B 84 -13.73 -5.40 -21.38
C PHE B 84 -14.38 -6.25 -20.29
N LEU B 85 -14.50 -5.68 -19.11
CA LEU B 85 -15.19 -6.35 -18.02
C LEU B 85 -16.50 -5.67 -17.65
N LEU B 86 -17.59 -6.41 -17.76
CA LEU B 86 -18.91 -5.92 -17.35
C LEU B 86 -19.20 -6.19 -15.88
N ASP B 87 -19.36 -5.12 -15.11
CA ASP B 87 -19.66 -5.24 -13.70
C ASP B 87 -21.01 -4.60 -13.49
N GLY B 88 -21.97 -5.38 -13.04
CA GLY B 88 -23.30 -4.86 -12.83
C GLY B 88 -24.13 -4.86 -14.10
N PHE B 89 -24.04 -5.94 -14.87
CA PHE B 89 -24.83 -6.10 -16.08
C PHE B 89 -24.48 -7.41 -16.78
N PRO B 90 -25.49 -8.09 -17.38
CA PRO B 90 -26.91 -7.77 -17.38
C PRO B 90 -27.56 -8.19 -16.09
N ARG B 91 -28.74 -7.66 -15.83
CA ARG B 91 -29.48 -8.01 -14.65
C ARG B 91 -30.80 -8.63 -15.02
N THR B 92 -31.09 -8.67 -16.31
CA THR B 92 -32.23 -9.48 -16.72
C THR B 92 -31.82 -10.40 -17.86
N ILE B 93 -32.65 -11.41 -18.07
CA ILE B 93 -32.60 -12.24 -19.26
C ILE B 93 -32.80 -11.47 -20.57
N PRO B 94 -33.78 -10.54 -20.62
CA PRO B 94 -33.92 -9.73 -21.83
C PRO B 94 -32.69 -8.88 -22.09
N GLN B 95 -32.05 -8.41 -21.02
CA GLN B 95 -30.80 -7.70 -21.14
C GLN B 95 -29.73 -8.66 -21.63
N ALA B 96 -29.75 -9.87 -21.07
CA ALA B 96 -28.85 -10.93 -21.49
C ALA B 96 -29.06 -11.26 -22.98
N ASP B 97 -30.31 -11.43 -23.37
CA ASP B 97 -30.64 -11.64 -24.77
C ASP B 97 -30.32 -10.41 -25.61
N GLY B 98 -30.40 -9.25 -24.98
CA GLY B 98 -30.09 -8.02 -25.67
C GLY B 98 -28.67 -8.03 -26.21
N LEU B 99 -27.75 -8.40 -25.33
CA LEU B 99 -26.33 -8.47 -25.64
C LEU B 99 -26.04 -9.43 -26.78
N LYS B 100 -26.36 -10.70 -26.53
CA LYS B 100 -26.22 -11.76 -27.51
C LYS B 100 -26.69 -11.35 -28.92
N GLU B 101 -27.81 -10.61 -28.96
CA GLU B 101 -28.28 -10.04 -30.21
C GLU B 101 -27.20 -9.18 -30.81
N MSE B 102 -26.57 -8.36 -29.98
CA MSE B 102 -25.64 -7.39 -30.51
C MSE B 102 -24.34 -8.04 -30.78
O MSE B 102 -23.40 -7.40 -31.24
CB MSE B 102 -25.41 -6.29 -29.51
CG MSE B 102 -26.58 -5.40 -29.40
SE MSE B 102 -26.62 -4.77 -27.60
CE MSE B 102 -24.72 -4.40 -27.39
N GLY B 103 -24.29 -9.34 -30.48
CA GLY B 103 -23.10 -10.12 -30.69
C GLY B 103 -22.03 -9.75 -29.68
N ILE B 104 -22.36 -9.93 -28.41
CA ILE B 104 -21.37 -9.72 -27.37
C ILE B 104 -20.76 -11.06 -27.08
N ASN B 105 -19.45 -11.16 -27.25
CA ASN B 105 -18.81 -12.45 -27.29
C ASN B 105 -18.12 -12.79 -26.01
N VAL B 106 -18.92 -13.02 -24.97
CA VAL B 106 -18.39 -13.32 -23.66
C VAL B 106 -17.60 -14.62 -23.62
N ASP B 107 -16.35 -14.52 -23.20
CA ASP B 107 -15.45 -15.65 -23.21
C ASP B 107 -15.52 -16.35 -21.89
N TYR B 108 -15.85 -15.57 -20.86
CA TYR B 108 -16.00 -16.12 -19.52
C TYR B 108 -17.12 -15.48 -18.75
N VAL B 109 -17.84 -16.27 -17.99
CA VAL B 109 -18.74 -15.73 -17.01
C VAL B 109 -18.13 -16.09 -15.67
N ILE B 110 -17.88 -15.08 -14.85
CA ILE B 110 -17.22 -15.33 -13.59
C ILE B 110 -18.10 -15.04 -12.40
N GLU B 111 -18.34 -16.07 -11.58
CA GLU B 111 -19.22 -15.97 -10.45
C GLU B 111 -18.43 -15.88 -9.14
N PHE B 112 -18.47 -14.71 -8.54
CA PHE B 112 -17.66 -14.45 -7.35
C PHE B 112 -18.54 -14.76 -6.16
N ASP B 113 -18.08 -15.67 -5.30
CA ASP B 113 -18.94 -16.16 -4.24
C ASP B 113 -18.36 -16.07 -2.83
N VAL B 114 -19.07 -15.37 -1.95
CA VAL B 114 -18.79 -15.35 -0.52
C VAL B 114 -20.08 -15.70 0.23
N ALA B 115 -20.04 -16.64 1.16
CA ALA B 115 -21.26 -17.02 1.88
C ALA B 115 -21.92 -15.83 2.58
N ASP B 116 -23.24 -15.87 2.69
CA ASP B 116 -24.00 -14.78 3.28
C ASP B 116 -23.43 -14.38 4.63
N ASP B 117 -23.25 -15.39 5.48
CA ASP B 117 -22.79 -15.18 6.83
C ASP B 117 -21.42 -14.50 6.85
N VAL B 118 -20.59 -14.79 5.85
CA VAL B 118 -19.30 -14.14 5.76
C VAL B 118 -19.45 -12.69 5.34
N ILE B 119 -20.44 -12.40 4.51
CA ILE B 119 -20.63 -11.02 4.06
C ILE B 119 -21.13 -10.17 5.21
N VAL B 120 -22.12 -10.71 5.92
CA VAL B 120 -22.61 -10.12 7.15
C VAL B 120 -21.49 -9.65 8.10
N GLU B 121 -20.58 -10.56 8.45
CA GLU B 121 -19.46 -10.24 9.31
C GLU B 121 -18.53 -9.24 8.66
N ARG B 122 -18.33 -9.37 7.35
CA ARG B 122 -17.56 -8.35 6.63
C ARG B 122 -18.17 -6.98 6.87
N MSE B 123 -19.46 -6.85 6.56
CA MSE B 123 -20.16 -5.60 6.68
C MSE B 123 -20.18 -5.14 8.12
O MSE B 123 -20.15 -3.95 8.42
CB MSE B 123 -21.57 -5.75 6.13
CG MSE B 123 -21.61 -6.08 4.65
SE MSE B 123 -20.78 -4.77 3.42
CE MSE B 123 -18.93 -5.37 3.42
N ALA B 124 -20.20 -6.11 9.04
CA ALA B 124 -20.34 -5.81 10.45
C ALA B 124 -19.18 -4.98 10.97
N GLY B 125 -18.12 -4.86 10.18
CA GLY B 125 -16.93 -4.14 10.60
C GLY B 125 -16.74 -2.72 10.09
N ARG B 126 -17.54 -2.33 9.10
CA ARG B 126 -17.46 -0.98 8.52
C ARG B 126 -17.86 0.12 9.51
N ARG B 127 -17.09 1.20 9.56
CA ARG B 127 -17.45 2.37 10.38
C ARG B 127 -17.41 3.64 9.55
N ALA B 128 -18.44 4.47 9.64
CA ALA B 128 -18.50 5.65 8.80
C ALA B 128 -18.46 6.90 9.63
N HIS B 129 -17.82 7.93 9.10
CA HIS B 129 -17.97 9.28 9.61
C HIS B 129 -19.06 9.89 8.74
N LEU B 130 -20.21 10.14 9.33
CA LEU B 130 -21.38 10.47 8.55
C LEU B 130 -21.27 11.64 7.57
N PRO B 131 -20.73 12.78 8.01
CA PRO B 131 -20.82 13.98 7.15
C PRO B 131 -19.98 13.98 5.87
N SER B 132 -18.87 13.25 5.85
CA SER B 132 -18.00 13.24 4.69
C SER B 132 -18.21 12.00 3.87
N GLY B 133 -18.82 10.99 4.50
CA GLY B 133 -18.96 9.70 3.87
C GLY B 133 -17.67 8.91 3.85
N ARG B 134 -16.64 9.39 4.56
CA ARG B 134 -15.42 8.62 4.67
C ARG B 134 -15.66 7.30 5.36
N THR B 135 -14.88 6.30 4.96
CA THR B 135 -15.19 4.93 5.31
C THR B 135 -14.02 4.20 5.95
N TYR B 136 -14.08 4.04 7.27
CA TYR B 136 -13.09 3.23 7.99
C TYR B 136 -13.52 1.76 8.03
N HIS B 137 -12.72 0.90 8.64
CA HIS B 137 -13.08 -0.51 8.83
C HIS B 137 -12.21 -1.15 9.89
N VAL B 138 -12.86 -1.64 10.92
CA VAL B 138 -12.19 -2.07 12.14
C VAL B 138 -11.15 -3.16 11.90
N VAL B 139 -11.40 -4.07 10.97
CA VAL B 139 -10.49 -5.18 10.70
C VAL B 139 -9.54 -4.87 9.55
N TYR B 140 -10.04 -4.24 8.50
CA TYR B 140 -9.23 -4.05 7.31
C TYR B 140 -8.62 -2.66 7.18
N ASN B 141 -9.22 -1.67 7.83
CA ASN B 141 -8.82 -0.30 7.59
C ASN B 141 -9.23 0.63 8.72
N PRO B 142 -8.68 0.42 9.92
CA PRO B 142 -9.13 1.22 11.06
C PRO B 142 -8.66 2.68 11.05
N PRO B 143 -9.43 3.54 11.72
CA PRO B 143 -9.01 4.91 11.99
C PRO B 143 -7.77 4.93 12.85
N LYS B 144 -7.20 6.10 13.08
CA LYS B 144 -6.06 6.19 13.97
C LYS B 144 -6.62 5.85 15.32
N VAL B 145 -7.78 6.41 15.62
CA VAL B 145 -8.35 6.25 16.93
C VAL B 145 -9.65 5.49 16.89
N GLU B 146 -9.79 4.52 17.79
CA GLU B 146 -10.95 3.64 17.80
C GLU B 146 -12.26 4.41 17.83
N GLY B 147 -13.12 4.10 16.86
CA GLY B 147 -14.45 4.70 16.74
C GLY B 147 -14.41 6.20 16.57
N LYS B 148 -13.24 6.71 16.18
CA LYS B 148 -13.04 8.15 16.05
C LYS B 148 -12.50 8.45 14.66
N ASP B 149 -12.89 9.59 14.10
CA ASP B 149 -12.45 9.98 12.78
C ASP B 149 -11.08 10.64 12.81
N ASP B 150 -10.12 10.09 12.07
CA ASP B 150 -8.75 10.58 12.12
C ASP B 150 -8.65 12.07 11.90
N VAL B 151 -9.28 12.50 10.83
CA VAL B 151 -9.29 13.90 10.47
C VAL B 151 -9.97 14.73 11.54
N THR B 152 -11.29 14.77 11.49
CA THR B 152 -12.10 15.62 12.36
C THR B 152 -11.97 15.24 13.81
N GLY B 153 -11.72 13.97 14.07
CA GLY B 153 -11.72 13.51 15.44
C GLY B 153 -13.16 13.29 15.80
N GLU B 154 -14.01 13.08 14.79
CA GLU B 154 -15.44 12.85 15.06
C GLU B 154 -15.76 11.40 15.26
N ASP B 155 -17.00 11.14 15.68
CA ASP B 155 -17.45 9.79 15.97
C ASP B 155 -17.78 9.03 14.69
N LEU B 156 -17.40 7.76 14.69
CA LEU B 156 -17.74 6.88 13.61
C LEU B 156 -18.99 6.14 13.99
N VAL B 157 -19.84 5.95 13.00
CA VAL B 157 -21.09 5.29 13.27
C VAL B 157 -21.11 3.93 12.63
N ILE B 158 -21.95 3.06 13.17
CA ILE B 158 -22.34 1.86 12.49
C ILE B 158 -23.56 2.14 11.58
N ARG B 159 -23.29 2.49 10.33
CA ARG B 159 -24.34 2.73 9.33
C ARG B 159 -25.45 1.72 9.45
N GLU B 160 -26.68 2.21 9.49
CA GLU B 160 -27.86 1.34 9.52
C GLU B 160 -27.90 0.45 8.29
N ASP B 161 -27.24 0.91 7.24
CA ASP B 161 -27.25 0.26 5.96
C ASP B 161 -26.40 -1.00 6.00
N ASP B 162 -25.49 -1.08 6.97
CA ASP B 162 -24.54 -2.19 7.05
C ASP B 162 -24.91 -3.23 8.10
N LYS B 163 -26.07 -3.09 8.72
CA LYS B 163 -26.47 -4.04 9.78
C LYS B 163 -27.14 -5.30 9.21
N GLU B 164 -27.14 -6.39 9.98
CA GLU B 164 -27.44 -7.75 9.49
C GLU B 164 -28.82 -7.96 8.86
N GLU B 165 -29.87 -7.43 9.49
CA GLU B 165 -31.24 -7.64 9.03
C GLU B 165 -31.39 -7.21 7.59
N THR B 166 -30.79 -6.04 7.30
CA THR B 166 -30.75 -5.42 5.99
C THR B 166 -29.81 -6.13 5.04
N VAL B 167 -28.62 -6.44 5.51
CA VAL B 167 -27.65 -7.11 4.68
C VAL B 167 -28.24 -8.43 4.18
N ARG B 168 -28.80 -9.21 5.08
CA ARG B 168 -29.37 -10.47 4.67
C ARG B 168 -30.65 -10.23 3.84
N ALA B 169 -31.29 -9.09 4.09
CA ALA B 169 -32.46 -8.71 3.34
C ALA B 169 -32.02 -8.45 1.92
N ARG B 170 -31.05 -7.55 1.81
CA ARG B 170 -30.40 -7.25 0.55
C ARG B 170 -29.87 -8.50 -0.15
N LEU B 171 -29.11 -9.31 0.57
CA LEU B 171 -28.55 -10.48 -0.04
C LEU B 171 -29.63 -11.40 -0.52
N ASN B 172 -30.67 -11.53 0.29
CA ASN B 172 -31.78 -12.40 -0.06
C ASN B 172 -32.35 -12.06 -1.41
N VAL B 173 -32.74 -10.81 -1.55
CA VAL B 173 -33.14 -10.28 -2.84
C VAL B 173 -32.08 -10.58 -3.90
N TYR B 174 -30.82 -10.22 -3.63
CA TYR B 174 -29.73 -10.44 -4.58
C TYR B 174 -29.79 -11.79 -5.32
N HIS B 175 -29.92 -12.87 -4.58
CA HIS B 175 -29.83 -14.20 -5.18
C HIS B 175 -31.06 -14.61 -5.95
N THR B 176 -32.22 -14.15 -5.53
CA THR B 176 -33.45 -14.47 -6.24
C THR B 176 -33.35 -13.92 -7.66
N GLN B 177 -32.95 -12.65 -7.74
CA GLN B 177 -32.70 -12.00 -9.01
C GLN B 177 -31.62 -12.65 -9.86
N THR B 178 -30.50 -12.99 -9.24
CA THR B 178 -29.34 -13.49 -9.93
C THR B 178 -29.50 -14.93 -10.43
N ALA B 179 -30.17 -15.76 -9.64
CA ALA B 179 -30.37 -17.18 -9.96
C ALA B 179 -30.75 -17.46 -11.42
N PRO B 180 -31.62 -16.63 -11.98
CA PRO B 180 -31.93 -16.95 -13.38
C PRO B 180 -30.81 -16.65 -14.39
N LEU B 181 -29.86 -15.78 -14.05
CA LEU B 181 -28.74 -15.51 -14.96
C LEU B 181 -27.77 -16.66 -14.94
N ILE B 182 -27.68 -17.25 -13.75
CA ILE B 182 -26.78 -18.34 -13.50
C ILE B 182 -27.17 -19.54 -14.35
N GLU B 183 -28.47 -19.86 -14.37
CA GLU B 183 -28.94 -20.95 -15.22
C GLU B 183 -28.79 -20.52 -16.66
N TYR B 184 -29.14 -19.29 -16.96
CA TYR B 184 -28.97 -18.76 -18.30
C TYR B 184 -27.54 -19.04 -18.76
N TYR B 185 -26.57 -18.54 -18.02
CA TYR B 185 -25.17 -18.76 -18.41
C TYR B 185 -24.74 -20.16 -18.16
N GLY B 186 -25.44 -20.87 -17.28
CA GLY B 186 -25.18 -22.28 -17.13
C GLY B 186 -25.57 -22.96 -18.42
N LYS B 187 -26.69 -22.57 -18.99
CA LYS B 187 -27.17 -23.16 -20.22
C LYS B 187 -26.23 -22.87 -21.38
N GLU B 188 -25.73 -21.64 -21.44
CA GLU B 188 -24.80 -21.23 -22.50
C GLU B 188 -23.50 -22.01 -22.46
N ALA B 189 -22.93 -22.10 -21.26
CA ALA B 189 -21.73 -22.87 -21.02
C ALA B 189 -21.95 -24.31 -21.46
N ALA B 190 -23.10 -24.87 -21.08
CA ALA B 190 -23.51 -26.22 -21.48
C ALA B 190 -23.36 -26.41 -22.99
N ALA B 191 -23.78 -25.40 -23.74
CA ALA B 191 -23.61 -25.36 -25.18
C ALA B 191 -22.14 -25.11 -25.54
N GLY B 192 -21.47 -24.29 -24.75
CA GLY B 192 -20.06 -24.03 -24.98
C GLY B 192 -19.75 -22.59 -25.34
N LYS B 193 -20.79 -21.77 -25.42
CA LYS B 193 -20.71 -20.41 -25.93
C LYS B 193 -19.91 -19.44 -25.03
N THR B 194 -19.48 -19.95 -23.89
CA THR B 194 -18.69 -19.17 -22.96
C THR B 194 -18.05 -20.13 -21.98
N GLN B 195 -17.12 -19.63 -21.19
CA GLN B 195 -16.47 -20.45 -20.21
C GLN B 195 -16.98 -20.03 -18.86
N TYR B 196 -17.68 -20.91 -18.16
CA TYR B 196 -18.22 -20.57 -16.83
C TYR B 196 -17.20 -20.86 -15.72
N LEU B 197 -16.97 -19.88 -14.85
CA LEU B 197 -16.01 -20.03 -13.77
C LEU B 197 -16.62 -19.59 -12.45
N LYS B 198 -16.06 -20.09 -11.37
CA LYS B 198 -16.56 -19.81 -10.03
C LYS B 198 -15.40 -19.82 -9.03
N PHE B 199 -15.30 -18.80 -8.19
CA PHE B 199 -14.19 -18.71 -7.24
C PHE B 199 -14.64 -18.33 -5.84
N ASP B 200 -14.14 -19.02 -4.81
CA ASP B 200 -14.51 -18.69 -3.42
C ASP B 200 -13.84 -17.43 -2.92
N GLY B 201 -14.64 -16.38 -2.78
CA GLY B 201 -14.14 -15.09 -2.37
C GLY B 201 -13.95 -14.98 -0.87
N THR B 202 -14.30 -16.02 -0.13
CA THR B 202 -13.98 -15.97 1.29
C THR B 202 -12.47 -16.02 1.47
N LYS B 203 -11.78 -16.63 0.50
CA LYS B 203 -10.31 -16.71 0.48
C LYS B 203 -9.66 -15.33 0.32
N GLN B 204 -8.42 -15.22 0.78
CA GLN B 204 -7.66 -13.98 0.66
C GLN B 204 -7.45 -13.55 -0.78
N VAL B 205 -7.29 -12.25 -0.96
CA VAL B 205 -7.36 -11.64 -2.28
C VAL B 205 -6.28 -12.12 -3.25
N SER B 206 -5.00 -11.95 -2.86
CA SER B 206 -3.89 -12.27 -3.74
C SER B 206 -3.93 -13.74 -4.09
N GLU B 207 -4.55 -14.52 -3.20
CA GLU B 207 -4.80 -15.93 -3.42
C GLU B 207 -5.93 -16.16 -4.38
N VAL B 208 -6.94 -15.29 -4.33
CA VAL B 208 -8.06 -15.40 -5.25
C VAL B 208 -7.63 -14.95 -6.63
N SER B 209 -6.88 -13.85 -6.67
CA SER B 209 -6.44 -13.24 -7.91
C SER B 209 -5.56 -14.18 -8.72
N ALA B 210 -4.72 -14.88 -7.97
CA ALA B 210 -3.89 -15.95 -8.46
C ALA B 210 -4.66 -16.94 -9.33
N ASP B 211 -5.65 -17.61 -8.74
CA ASP B 211 -6.43 -18.60 -9.46
C ASP B 211 -7.10 -18.03 -10.70
N ILE B 212 -7.66 -16.84 -10.57
CA ILE B 212 -8.29 -16.19 -11.71
C ILE B 212 -7.32 -16.14 -12.90
N ALA B 213 -6.09 -15.71 -12.62
CA ALA B 213 -5.11 -15.58 -13.67
C ALA B 213 -4.81 -16.92 -14.35
N LYS B 214 -4.61 -17.95 -13.53
CA LYS B 214 -4.37 -19.31 -14.00
C LYS B 214 -5.47 -19.67 -14.95
N ALA B 215 -6.70 -19.37 -14.53
CA ALA B 215 -7.89 -19.77 -15.24
C ALA B 215 -7.94 -19.11 -16.59
N LEU B 216 -7.62 -17.83 -16.61
CA LEU B 216 -7.73 -17.07 -17.83
C LEU B 216 -6.49 -17.17 -18.66
N ALA B 217 -5.57 -18.01 -18.23
CA ALA B 217 -4.43 -18.43 -19.04
C ALA B 217 -4.89 -19.45 -20.05
N ASN C 2 38.28 17.65 16.21
CA ASN C 2 37.79 17.67 14.84
C ASN C 2 36.79 16.56 14.56
N ALA C 3 37.04 15.85 13.46
CA ALA C 3 36.21 14.73 13.00
C ALA C 3 36.82 14.11 11.75
N MSE C 4 36.82 12.78 11.69
CA MSE C 4 37.27 12.07 10.50
C MSE C 4 36.14 11.43 9.75
O MSE C 4 35.57 10.44 10.18
CB MSE C 4 38.32 11.03 10.84
CG MSE C 4 39.69 11.42 10.34
SE MSE C 4 40.58 9.98 9.44
CE MSE C 4 40.34 8.68 10.82
N ARG C 5 35.83 11.99 8.62
CA ARG C 5 34.75 11.49 7.85
C ARG C 5 35.29 10.77 6.63
N ILE C 6 35.02 9.49 6.57
CA ILE C 6 35.54 8.68 5.51
C ILE C 6 34.43 7.94 4.76
N ILE C 7 34.53 7.87 3.44
CA ILE C 7 33.64 7.06 2.64
C ILE C 7 34.43 5.92 2.08
N LEU C 8 34.08 4.71 2.48
CA LEU C 8 34.80 3.55 2.03
C LEU C 8 34.06 2.85 0.92
N LEU C 9 34.69 2.81 -0.24
CA LEU C 9 34.14 2.17 -1.44
C LEU C 9 34.85 0.86 -1.71
N GLY C 10 34.07 -0.13 -2.16
CA GLY C 10 34.60 -1.42 -2.54
C GLY C 10 33.55 -2.43 -2.92
N ALA C 11 33.83 -3.20 -3.97
CA ALA C 11 32.97 -4.26 -4.44
C ALA C 11 32.56 -5.24 -3.35
N PRO C 12 31.42 -5.92 -3.53
CA PRO C 12 31.01 -6.94 -2.58
C PRO C 12 31.99 -8.10 -2.57
N GLY C 13 32.39 -8.53 -1.38
CA GLY C 13 33.32 -9.63 -1.27
C GLY C 13 34.73 -9.27 -1.71
N ALA C 14 35.00 -7.97 -1.83
CA ALA C 14 36.37 -7.49 -1.99
C ALA C 14 37.02 -7.51 -0.62
N GLY C 15 36.21 -7.38 0.43
CA GLY C 15 36.71 -7.49 1.79
C GLY C 15 36.96 -6.16 2.48
N LYS C 16 36.34 -5.08 2.01
CA LYS C 16 36.58 -3.77 2.60
C LYS C 16 36.28 -3.69 4.10
N GLY C 17 35.38 -4.55 4.57
CA GLY C 17 35.06 -4.63 5.99
C GLY C 17 36.27 -4.86 6.87
N THR C 18 37.25 -5.58 6.33
CA THR C 18 38.53 -5.80 6.99
C THR C 18 39.13 -4.49 7.47
N GLN C 19 39.34 -3.57 6.52
CA GLN C 19 39.96 -2.31 6.89
C GLN C 19 38.95 -1.40 7.55
N ALA C 20 37.65 -1.66 7.34
CA ALA C 20 36.61 -0.87 8.01
C ALA C 20 36.67 -1.04 9.52
N GLN C 21 36.79 -2.29 9.95
CA GLN C 21 36.91 -2.58 11.37
C GLN C 21 38.16 -1.95 11.96
N PHE C 22 39.27 -2.13 11.26
CA PHE C 22 40.55 -1.54 11.62
C PHE C 22 40.38 -0.08 11.99
N ILE C 23 39.61 0.62 11.19
CA ILE C 23 39.45 2.06 11.34
C ILE C 23 38.66 2.49 12.57
N MSE C 24 37.63 1.74 12.91
CA MSE C 24 36.82 2.09 14.05
C MSE C 24 37.62 1.90 15.33
O MSE C 24 37.43 2.62 16.32
CB MSE C 24 35.51 1.29 14.03
CG MSE C 24 35.15 0.58 15.32
SE MSE C 24 33.58 -0.48 14.94
CE MSE C 24 34.16 -2.20 15.73
N GLU C 25 38.53 0.94 15.31
CA GLU C 25 39.44 0.74 16.43
C GLU C 25 40.38 1.91 16.53
N LYS C 26 41.17 2.06 15.48
CA LYS C 26 42.25 3.03 15.39
C LYS C 26 41.79 4.43 15.71
N PHE C 27 40.52 4.71 15.44
CA PHE C 27 40.03 6.09 15.51
C PHE C 27 38.78 6.29 16.37
N GLY C 28 38.11 5.21 16.76
CA GLY C 28 36.95 5.33 17.62
C GLY C 28 35.76 6.04 16.98
N ILE C 29 35.54 5.75 15.71
CA ILE C 29 34.41 6.28 14.96
C ILE C 29 33.59 5.10 14.47
N PRO C 30 32.26 5.14 14.60
CA PRO C 30 31.51 3.95 14.17
C PRO C 30 31.42 3.78 12.64
N GLN C 31 31.11 2.55 12.22
CA GLN C 31 30.81 2.27 10.82
C GLN C 31 29.35 2.45 10.55
N ILE C 32 29.06 3.27 9.55
CA ILE C 32 27.69 3.59 9.25
C ILE C 32 27.30 2.99 7.94
N SER C 33 26.45 1.98 8.01
CA SER C 33 25.92 1.31 6.83
C SER C 33 24.44 1.60 6.84
N THR C 34 23.92 2.08 5.72
CA THR C 34 22.59 2.68 5.67
C THR C 34 21.37 1.73 5.62
N GLY C 35 21.50 0.59 4.94
CA GLY C 35 20.39 -0.34 4.83
C GLY C 35 20.08 -1.02 6.16
N ASP C 36 21.13 -1.13 6.97
CA ASP C 36 21.02 -1.71 8.29
C ASP C 36 20.46 -0.64 9.27
N MSE C 37 20.85 0.61 9.02
CA MSE C 37 20.31 1.79 9.68
C MSE C 37 18.83 1.85 9.43
O MSE C 37 18.00 1.97 10.33
CB MSE C 37 21.01 2.99 9.04
CG MSE C 37 20.74 4.37 9.59
SE MSE C 37 21.72 5.69 8.52
CE MSE C 37 20.72 5.58 6.86
N LEU C 38 18.50 1.78 8.15
CA LEU C 38 17.12 1.72 7.76
C LEU C 38 16.41 0.63 8.53
N ARG C 39 16.88 -0.61 8.40
CA ARG C 39 16.28 -1.78 9.05
C ARG C 39 16.07 -1.61 10.58
N ALA C 40 17.00 -0.91 11.21
CA ALA C 40 16.88 -0.63 12.64
C ALA C 40 15.79 0.41 12.88
N ALA C 41 15.69 1.37 11.97
CA ALA C 41 14.73 2.46 12.09
C ALA C 41 13.32 1.94 11.99
N ILE C 42 13.12 0.97 11.13
CA ILE C 42 11.81 0.41 10.89
C ILE C 42 11.41 -0.37 12.10
N LYS C 43 12.31 -1.26 12.56
CA LYS C 43 12.05 -2.15 13.70
C LYS C 43 11.90 -1.41 15.01
N ALA C 44 12.81 -0.47 15.25
CA ALA C 44 12.72 0.32 16.46
C ALA C 44 11.44 1.12 16.43
N GLY C 45 11.02 1.54 15.24
CA GLY C 45 9.81 2.31 15.10
C GLY C 45 10.03 3.81 15.26
N THR C 46 11.21 4.26 14.86
CA THR C 46 11.46 5.69 14.86
C THR C 46 10.55 6.35 13.84
N GLU C 47 10.36 7.67 13.96
N GLU C 47 10.36 7.66 13.97
CA GLU C 47 9.49 8.38 13.04
CA GLU C 47 9.53 8.43 13.05
C GLU C 47 9.94 8.16 11.59
C GLU C 47 9.94 8.18 11.61
N LEU C 48 11.24 8.23 11.34
CA LEU C 48 11.74 8.01 10.00
C LEU C 48 11.67 6.56 9.49
N GLY C 49 11.66 5.58 10.40
CA GLY C 49 11.64 4.19 10.00
C GLY C 49 10.23 3.82 9.61
N LYS C 50 9.28 4.46 10.28
CA LYS C 50 7.89 4.37 9.90
C LYS C 50 7.64 5.01 8.51
N GLN C 51 8.24 6.18 8.31
CA GLN C 51 8.20 6.84 7.00
C GLN C 51 8.63 5.88 5.89
N ALA C 52 9.74 5.20 6.12
CA ALA C 52 10.27 4.26 5.14
C ALA C 52 9.42 2.99 5.03
N LYS C 53 9.06 2.44 6.19
CA LYS C 53 8.21 1.26 6.27
C LYS C 53 6.97 1.42 5.42
N ALA C 54 6.29 2.56 5.53
CA ALA C 54 5.07 2.82 4.78
C ALA C 54 5.24 2.78 3.25
N VAL C 55 6.08 3.66 2.74
CA VAL C 55 6.47 3.66 1.34
C VAL C 55 6.88 2.25 0.88
N ILE C 56 7.79 1.62 1.62
CA ILE C 56 8.20 0.25 1.35
C ILE C 56 7.01 -0.67 1.41
N ASP C 57 6.19 -0.50 2.44
CA ASP C 57 4.97 -1.28 2.55
C ASP C 57 4.06 -0.85 1.40
N ALA C 58 4.09 0.43 1.05
CA ALA C 58 3.27 0.95 -0.06
C ALA C 58 3.85 0.62 -1.42
N GLY C 59 4.86 -0.26 -1.45
CA GLY C 59 5.47 -0.72 -2.69
C GLY C 59 6.22 0.34 -3.47
N GLN C 60 6.26 1.54 -2.92
CA GLN C 60 6.88 2.63 -3.62
C GLN C 60 8.32 2.69 -3.17
N LEU C 61 9.09 3.55 -3.83
CA LEU C 61 10.52 3.69 -3.56
C LEU C 61 10.79 4.71 -2.44
N VAL C 62 11.71 4.38 -1.55
CA VAL C 62 12.09 5.31 -0.48
C VAL C 62 12.97 6.45 -1.00
N SER C 63 12.66 7.66 -0.57
CA SER C 63 13.32 8.85 -1.08
C SER C 63 14.58 9.12 -0.31
N ASP C 64 15.54 9.76 -0.99
CA ASP C 64 16.81 10.09 -0.39
C ASP C 64 16.61 10.98 0.82
N ASP C 65 15.50 11.70 0.89
CA ASP C 65 15.33 12.53 2.07
C ASP C 65 15.07 11.68 3.30
N ILE C 66 14.59 10.45 3.14
CA ILE C 66 14.39 9.66 4.35
C ILE C 66 15.71 9.03 4.79
N ILE C 67 16.50 8.63 3.80
CA ILE C 67 17.81 8.02 4.02
C ILE C 67 18.84 9.01 4.55
N LEU C 68 18.80 10.22 4.03
CA LEU C 68 19.65 11.29 4.51
C LEU C 68 19.17 11.87 5.82
N GLY C 69 17.87 11.74 6.07
CA GLY C 69 17.33 12.11 7.36
C GLY C 69 17.76 11.11 8.39
N LEU C 70 17.93 9.86 7.96
CA LEU C 70 18.39 8.77 8.82
C LEU C 70 19.88 8.92 9.13
N ILE C 71 20.64 9.43 8.17
CA ILE C 71 22.04 9.73 8.41
C ILE C 71 22.16 10.81 9.46
N LYS C 72 21.67 12.00 9.14
CA LYS C 72 21.58 13.11 10.08
C LYS C 72 21.29 12.70 11.54
N GLU C 73 20.29 11.86 11.72
CA GLU C 73 19.92 11.38 13.05
C GLU C 73 21.04 10.58 13.67
N ARG C 74 21.71 9.80 12.84
CA ARG C 74 22.68 8.84 13.29
C ARG C 74 23.90 9.58 13.73
N ILE C 75 24.34 10.51 12.91
CA ILE C 75 25.62 11.13 13.14
C ILE C 75 25.51 12.19 14.22
N ALA C 76 24.29 12.51 14.60
CA ALA C 76 24.04 13.35 15.75
C ALA C 76 24.18 12.55 17.02
N GLN C 77 24.37 11.24 16.92
CA GLN C 77 24.55 10.47 18.15
C GLN C 77 25.95 10.74 18.66
N ALA C 78 26.12 10.67 19.98
CA ALA C 78 27.37 11.01 20.69
C ALA C 78 28.60 10.17 20.32
N ASP C 79 28.34 8.95 19.87
CA ASP C 79 29.38 8.06 19.35
C ASP C 79 30.14 8.67 18.18
N CYS C 80 29.41 9.46 17.40
CA CYS C 80 29.97 10.06 16.21
C CYS C 80 30.70 11.36 16.54
N GLU C 81 31.07 11.54 17.80
CA GLU C 81 31.77 12.75 18.20
C GLU C 81 33.16 12.81 17.57
N LYS C 82 33.73 11.63 17.31
CA LYS C 82 35.06 11.56 16.75
C LYS C 82 35.08 11.52 15.23
N GLY C 83 33.91 11.29 14.64
CA GLY C 83 33.80 11.16 13.19
C GLY C 83 33.13 9.85 12.84
N PHE C 84 33.21 9.45 11.57
CA PHE C 84 32.66 8.16 11.18
C PHE C 84 33.05 7.70 9.80
N LEU C 85 32.64 6.48 9.50
CA LEU C 85 32.80 5.88 8.19
C LEU C 85 31.46 5.39 7.65
N LEU C 86 31.10 5.95 6.50
CA LEU C 86 29.95 5.51 5.79
C LEU C 86 30.27 4.27 4.99
N ASP C 87 29.59 3.19 5.31
CA ASP C 87 29.79 1.99 4.54
C ASP C 87 28.58 1.79 3.63
N GLY C 88 28.78 1.87 2.32
CA GLY C 88 27.71 1.60 1.38
C GLY C 88 26.83 2.79 1.07
N PHE C 89 27.42 3.97 1.15
CA PHE C 89 26.73 5.21 0.83
C PHE C 89 27.77 6.31 0.69
N PRO C 90 27.63 7.20 -0.30
CA PRO C 90 26.52 7.28 -1.26
C PRO C 90 26.69 6.29 -2.40
N ARG C 91 25.65 6.14 -3.22
CA ARG C 91 25.67 5.18 -4.30
C ARG C 91 25.43 5.89 -5.60
N THR C 92 24.93 7.12 -5.49
CA THR C 92 24.51 7.87 -6.67
C THR C 92 25.00 9.30 -6.57
N ILE C 93 25.16 9.93 -7.72
CA ILE C 93 25.50 11.35 -7.78
C ILE C 93 24.59 12.20 -6.87
N PRO C 94 23.25 12.03 -6.97
CA PRO C 94 22.37 12.82 -6.11
C PRO C 94 22.62 12.65 -4.61
N GLN C 95 22.99 11.44 -4.19
CA GLN C 95 23.22 11.18 -2.77
C GLN C 95 24.52 11.83 -2.34
N ALA C 96 25.49 11.88 -3.24
CA ALA C 96 26.79 12.42 -2.91
C ALA C 96 26.73 13.93 -2.65
N ASP C 97 26.10 14.68 -3.56
CA ASP C 97 25.95 16.10 -3.35
C ASP C 97 24.90 16.35 -2.28
N GLY C 98 24.13 15.31 -1.98
CA GLY C 98 23.14 15.34 -0.92
C GLY C 98 23.75 15.37 0.47
N LEU C 99 24.80 14.59 0.67
CA LEU C 99 25.57 14.69 1.88
C LEU C 99 26.15 16.07 1.98
N LYS C 100 26.83 16.48 0.90
CA LYS C 100 27.50 17.75 0.78
C LYS C 100 26.55 18.91 1.02
N GLU C 101 25.25 18.68 0.78
CA GLU C 101 24.24 19.68 0.97
C GLU C 101 23.68 19.79 2.38
N MSE C 102 23.88 18.75 3.17
CA MSE C 102 23.68 18.92 4.60
C MSE C 102 25.04 19.07 5.29
O MSE C 102 25.22 18.60 6.41
CB MSE C 102 22.90 17.77 5.21
CG MSE C 102 22.65 16.60 4.32
SE MSE C 102 21.71 15.22 5.30
CE MSE C 102 20.09 16.20 5.77
N GLY C 103 25.99 19.72 4.60
CA GLY C 103 27.26 20.13 5.18
C GLY C 103 28.12 19.04 5.82
N ILE C 104 27.76 17.80 5.58
CA ILE C 104 28.58 16.68 5.92
C ILE C 104 29.65 16.58 4.85
N ASN C 105 30.86 16.98 5.19
CA ASN C 105 31.97 17.00 4.24
C ASN C 105 33.03 15.98 4.55
N VAL C 106 33.24 15.07 3.60
CA VAL C 106 34.07 13.90 3.83
C VAL C 106 35.54 14.21 3.69
N ASP C 107 36.32 13.75 4.66
CA ASP C 107 37.75 13.96 4.62
C ASP C 107 38.40 12.96 3.69
N TYR C 108 37.85 11.76 3.66
CA TYR C 108 38.45 10.69 2.90
C TYR C 108 37.42 9.84 2.21
N VAL C 109 37.63 9.61 0.93
CA VAL C 109 36.94 8.52 0.27
C VAL C 109 37.97 7.45 0.05
N ILE C 110 37.69 6.21 0.44
CA ILE C 110 38.69 5.15 0.25
C ILE C 110 38.29 4.06 -0.74
N GLU C 111 39.07 3.88 -1.78
CA GLU C 111 38.78 2.77 -2.67
C GLU C 111 39.60 1.52 -2.32
N PHE C 112 38.89 0.45 -2.01
CA PHE C 112 39.48 -0.81 -1.60
C PHE C 112 39.55 -1.72 -2.81
N ASP C 113 40.66 -1.65 -3.53
CA ASP C 113 40.73 -2.30 -4.82
C ASP C 113 40.99 -3.80 -4.74
N VAL C 114 40.04 -4.58 -5.27
CA VAL C 114 40.17 -6.02 -5.45
C VAL C 114 39.56 -6.45 -6.78
N ALA C 115 40.34 -7.12 -7.61
CA ALA C 115 39.87 -7.56 -8.92
C ALA C 115 38.82 -8.66 -8.86
N ASP C 116 38.00 -8.72 -9.89
CA ASP C 116 36.84 -9.58 -9.88
C ASP C 116 37.18 -11.04 -9.75
N ASP C 117 38.23 -11.48 -10.43
CA ASP C 117 38.57 -12.90 -10.46
C ASP C 117 38.78 -13.43 -9.06
N VAL C 118 39.53 -12.69 -8.26
CA VAL C 118 39.74 -13.05 -6.85
C VAL C 118 38.43 -13.01 -6.09
N ILE C 119 37.60 -12.02 -6.39
CA ILE C 119 36.26 -11.98 -5.82
C ILE C 119 35.54 -13.25 -6.28
N VAL C 120 35.60 -13.51 -7.58
CA VAL C 120 34.94 -14.70 -8.08
C VAL C 120 35.54 -15.96 -7.44
N GLU C 121 36.86 -16.08 -7.43
CA GLU C 121 37.49 -17.26 -6.84
C GLU C 121 37.21 -17.41 -5.35
N ARG C 122 37.27 -16.31 -4.62
CA ARG C 122 36.96 -16.34 -3.19
C ARG C 122 35.59 -16.87 -2.91
N MSE C 123 34.62 -16.39 -3.68
CA MSE C 123 33.24 -16.69 -3.38
C MSE C 123 32.88 -18.12 -3.77
O MSE C 123 32.01 -18.73 -3.15
CB MSE C 123 32.32 -15.68 -4.08
CG MSE C 123 32.54 -14.24 -3.62
SE MSE C 123 31.67 -13.76 -1.92
CE MSE C 123 33.30 -13.21 -0.98
N ALA C 124 33.58 -18.66 -4.76
CA ALA C 124 33.35 -20.04 -5.16
C ALA C 124 33.78 -21.03 -4.07
N GLY C 125 34.58 -20.57 -3.11
CA GLY C 125 34.99 -21.39 -1.98
C GLY C 125 33.95 -21.44 -0.87
N ARG C 126 32.82 -20.75 -1.09
CA ARG C 126 31.76 -20.68 -0.08
C ARG C 126 30.83 -21.84 -0.21
N ARG C 127 30.34 -22.31 0.94
CA ARG C 127 29.49 -23.49 1.05
C ARG C 127 28.38 -23.22 2.01
N ALA C 128 27.23 -23.85 1.80
CA ALA C 128 26.07 -23.62 2.66
C ALA C 128 25.42 -24.92 3.16
N HIS C 129 24.86 -24.89 4.36
CA HIS C 129 24.01 -25.97 4.86
C HIS C 129 22.60 -25.46 4.95
N LEU C 130 21.96 -25.43 3.80
CA LEU C 130 20.67 -24.77 3.63
C LEU C 130 19.63 -24.87 4.75
N PRO C 131 19.53 -26.03 5.45
CA PRO C 131 18.54 -26.03 6.51
C PRO C 131 18.80 -24.99 7.59
N SER C 132 19.95 -25.08 8.26
CA SER C 132 20.21 -24.25 9.41
C SER C 132 20.83 -22.98 8.93
N GLY C 133 21.10 -22.93 7.64
CA GLY C 133 21.75 -21.79 7.04
C GLY C 133 23.18 -21.59 7.51
N ARG C 134 23.78 -22.61 8.15
CA ARG C 134 25.20 -22.56 8.52
C ARG C 134 26.07 -22.46 7.27
N THR C 135 27.07 -21.59 7.31
CA THR C 135 27.98 -21.41 6.19
C THR C 135 29.45 -21.66 6.56
N TYR C 136 30.20 -22.13 5.58
CA TYR C 136 31.62 -22.39 5.76
C TYR C 136 32.35 -21.80 4.57
N HIS C 137 33.67 -21.83 4.63
CA HIS C 137 34.46 -21.55 3.46
C HIS C 137 35.56 -22.57 3.40
N VAL C 138 35.56 -23.35 2.33
CA VAL C 138 36.45 -24.48 2.19
C VAL C 138 37.88 -24.06 2.46
N VAL C 139 38.21 -22.82 2.13
CA VAL C 139 39.52 -22.30 2.41
C VAL C 139 39.54 -21.70 3.79
N TYR C 140 38.58 -20.83 4.08
CA TYR C 140 38.70 -20.07 5.31
C TYR C 140 37.96 -20.61 6.53
N ASN C 141 36.97 -21.48 6.33
CA ASN C 141 36.26 -22.08 7.48
C ASN C 141 35.69 -23.45 7.14
N PRO C 142 36.56 -24.40 6.88
CA PRO C 142 35.99 -25.63 6.33
C PRO C 142 35.26 -26.49 7.35
N PRO C 143 34.39 -27.38 6.85
CA PRO C 143 33.70 -28.31 7.72
C PRO C 143 34.69 -29.32 8.26
N LYS C 144 34.27 -30.18 9.15
CA LYS C 144 35.21 -31.14 9.65
C LYS C 144 35.46 -32.16 8.58
N VAL C 145 34.40 -32.59 7.91
CA VAL C 145 34.54 -33.51 6.81
C VAL C 145 34.27 -32.73 5.58
N GLU C 146 35.20 -32.72 4.63
CA GLU C 146 34.94 -31.97 3.42
C GLU C 146 33.61 -32.39 2.82
N GLY C 147 32.68 -31.44 2.78
CA GLY C 147 31.36 -31.67 2.24
C GLY C 147 30.26 -32.02 3.24
N LYS C 148 30.60 -32.12 4.52
CA LYS C 148 29.61 -32.51 5.51
C LYS C 148 29.40 -31.44 6.56
N ASP C 149 28.15 -31.29 6.99
CA ASP C 149 27.82 -30.34 8.04
C ASP C 149 28.50 -30.84 9.28
N ASP C 150 29.13 -29.93 9.99
CA ASP C 150 29.78 -30.31 11.21
C ASP C 150 28.72 -30.89 12.14
N VAL C 151 27.66 -30.13 12.34
CA VAL C 151 26.62 -30.43 13.32
C VAL C 151 25.78 -31.68 13.01
N THR C 152 25.42 -31.86 11.75
CA THR C 152 24.54 -32.97 11.38
C THR C 152 25.25 -34.08 10.59
N GLY C 153 26.14 -33.69 9.69
CA GLY C 153 26.77 -34.63 8.78
C GLY C 153 26.07 -34.62 7.44
N GLU C 154 25.04 -33.79 7.34
CA GLU C 154 24.27 -33.71 6.11
C GLU C 154 25.05 -33.02 5.03
N ASP C 155 24.63 -33.22 3.80
CA ASP C 155 25.32 -32.66 2.65
C ASP C 155 25.21 -31.13 2.62
N LEU C 156 26.32 -30.47 2.29
CA LEU C 156 26.39 -29.02 2.11
C LEU C 156 26.15 -28.65 0.66
N VAL C 157 25.95 -27.37 0.38
CA VAL C 157 25.90 -26.94 -1.01
C VAL C 157 26.72 -25.67 -1.22
N ILE C 158 26.98 -25.38 -2.48
CA ILE C 158 27.33 -24.04 -2.85
C ILE C 158 26.04 -23.40 -3.29
N ARG C 159 25.67 -22.31 -2.62
CA ARG C 159 24.53 -21.54 -3.04
C ARG C 159 24.66 -21.10 -4.49
N GLU C 160 23.53 -21.08 -5.20
CA GLU C 160 23.55 -20.57 -6.56
C GLU C 160 23.93 -19.10 -6.49
N ASP C 161 23.59 -18.49 -5.37
CA ASP C 161 23.92 -17.11 -5.06
C ASP C 161 25.41 -16.86 -5.23
N ASP C 162 26.23 -17.88 -4.98
CA ASP C 162 27.70 -17.72 -4.94
C ASP C 162 28.41 -18.17 -6.23
N LYS C 163 27.63 -18.55 -7.25
CA LYS C 163 28.20 -19.13 -8.46
C LYS C 163 28.70 -18.08 -9.42
N GLU C 164 29.83 -18.37 -10.05
CA GLU C 164 30.55 -17.45 -10.92
C GLU C 164 29.64 -16.59 -11.73
N GLU C 165 28.56 -17.20 -12.18
CA GLU C 165 27.62 -16.49 -13.00
C GLU C 165 27.00 -15.32 -12.24
N THR C 166 26.25 -15.63 -11.18
CA THR C 166 25.63 -14.63 -10.32
C THR C 166 26.59 -13.51 -9.93
N VAL C 167 27.78 -13.92 -9.49
CA VAL C 167 28.78 -13.03 -8.92
C VAL C 167 29.23 -11.99 -9.91
N ARG C 168 29.59 -12.44 -11.10
CA ARG C 168 30.04 -11.52 -12.13
C ARG C 168 28.92 -10.53 -12.54
N ALA C 169 27.68 -10.92 -12.33
CA ALA C 169 26.58 -10.01 -12.59
C ALA C 169 26.56 -8.93 -11.52
N ARG C 170 26.58 -9.35 -10.27
CA ARG C 170 26.53 -8.39 -9.18
C ARG C 170 27.68 -7.41 -9.26
N LEU C 171 28.84 -7.92 -9.59
CA LEU C 171 30.01 -7.07 -9.74
C LEU C 171 29.73 -6.02 -10.80
N ASN C 172 29.30 -6.48 -11.96
CA ASN C 172 28.91 -5.61 -13.06
C ASN C 172 27.98 -4.49 -12.60
N VAL C 173 26.90 -4.87 -11.93
CA VAL C 173 25.96 -3.93 -11.34
C VAL C 173 26.69 -2.94 -10.49
N TYR C 174 27.56 -3.46 -9.65
CA TYR C 174 28.25 -2.66 -8.68
C TYR C 174 29.09 -1.63 -9.39
N HIS C 175 29.76 -2.08 -10.43
CA HIS C 175 30.75 -1.23 -11.08
C HIS C 175 30.04 -0.15 -11.87
N THR C 176 28.95 -0.54 -12.52
CA THR C 176 28.11 0.38 -13.28
C THR C 176 27.74 1.51 -12.37
N GLN C 177 27.25 1.10 -11.22
CA GLN C 177 26.77 1.98 -10.19
C GLN C 177 27.81 2.96 -9.70
N THR C 178 29.02 2.47 -9.51
CA THR C 178 30.02 3.18 -8.73
C THR C 178 31.00 3.98 -9.59
N ALA C 179 31.01 3.70 -10.88
CA ALA C 179 31.85 4.47 -11.77
C ALA C 179 31.59 5.99 -11.76
N PRO C 180 30.31 6.42 -11.85
CA PRO C 180 30.06 7.86 -11.80
C PRO C 180 30.54 8.45 -10.50
N LEU C 181 30.44 7.68 -9.43
CA LEU C 181 30.83 8.13 -8.11
C LEU C 181 32.30 8.41 -8.03
N ILE C 182 33.08 7.47 -8.53
CA ILE C 182 34.51 7.57 -8.48
C ILE C 182 34.98 8.76 -9.29
N GLU C 183 34.36 8.96 -10.43
CA GLU C 183 34.68 10.14 -11.22
C GLU C 183 34.35 11.45 -10.46
N TYR C 184 33.20 11.47 -9.77
CA TYR C 184 32.78 12.63 -8.95
C TYR C 184 33.84 12.97 -7.94
N TYR C 185 34.18 11.99 -7.10
CA TYR C 185 35.14 12.22 -6.04
C TYR C 185 36.57 12.40 -6.55
N GLY C 186 36.86 11.89 -7.74
CA GLY C 186 38.12 12.21 -8.40
C GLY C 186 38.26 13.73 -8.48
N LYS C 187 37.28 14.36 -9.10
CA LYS C 187 37.25 15.81 -9.20
C LYS C 187 37.25 16.50 -7.84
N GLU C 188 36.28 16.18 -6.99
CA GLU C 188 36.20 16.81 -5.67
C GLU C 188 37.56 16.76 -4.98
N ALA C 189 38.16 15.58 -4.93
CA ALA C 189 39.47 15.45 -4.34
C ALA C 189 40.49 16.25 -5.12
N ALA C 190 40.46 16.14 -6.44
CA ALA C 190 41.34 16.94 -7.28
C ALA C 190 41.03 18.43 -7.11
N ALA C 191 39.91 18.74 -6.46
CA ALA C 191 39.52 20.14 -6.26
C ALA C 191 39.77 20.67 -4.84
N GLY C 192 40.46 19.88 -4.04
CA GLY C 192 40.85 20.32 -2.71
C GLY C 192 39.73 20.14 -1.72
N LYS C 193 38.64 19.58 -2.21
CA LYS C 193 37.42 19.37 -1.45
C LYS C 193 37.54 18.12 -0.59
N THR C 194 38.53 17.27 -0.92
CA THR C 194 38.74 16.01 -0.22
C THR C 194 40.00 15.31 -0.73
N GLN C 195 40.15 14.06 -0.33
CA GLN C 195 41.25 13.19 -0.76
C GLN C 195 40.74 11.80 -1.16
N TYR C 196 41.16 11.34 -2.33
CA TYR C 196 40.74 10.03 -2.82
C TYR C 196 41.86 8.99 -2.71
N LEU C 197 41.59 7.94 -1.92
CA LEU C 197 42.57 6.89 -1.69
C LEU C 197 42.13 5.61 -2.35
N LYS C 198 43.11 4.87 -2.82
CA LYS C 198 42.84 3.58 -3.40
C LYS C 198 43.94 2.62 -2.99
N PHE C 199 43.57 1.43 -2.56
CA PHE C 199 44.58 0.47 -2.16
C PHE C 199 44.33 -0.87 -2.74
N ASP C 200 45.42 -1.51 -3.13
CA ASP C 200 45.38 -2.87 -3.60
C ASP C 200 45.02 -3.77 -2.42
N GLY C 201 43.74 -4.08 -2.29
CA GLY C 201 43.23 -4.83 -1.16
C GLY C 201 43.75 -6.26 -1.05
N THR C 202 44.68 -6.63 -1.93
CA THR C 202 45.19 -8.01 -1.99
C THR C 202 46.41 -8.24 -1.12
N LYS C 203 47.07 -7.14 -0.76
CA LYS C 203 48.30 -7.23 -0.01
C LYS C 203 48.01 -7.80 1.36
N GLN C 204 49.05 -8.07 2.14
CA GLN C 204 48.80 -8.59 3.46
C GLN C 204 47.96 -7.58 4.19
N VAL C 205 47.10 -8.04 5.07
CA VAL C 205 46.19 -7.14 5.74
C VAL C 205 46.93 -5.98 6.41
N SER C 206 47.85 -6.32 7.31
CA SER C 206 48.54 -5.34 8.14
C SER C 206 49.22 -4.27 7.32
N GLU C 207 49.65 -4.66 6.14
CA GLU C 207 50.27 -3.76 5.19
C GLU C 207 49.29 -2.65 4.89
N VAL C 208 48.09 -3.04 4.48
CA VAL C 208 47.09 -2.11 3.99
C VAL C 208 46.59 -1.22 5.11
N SER C 209 46.39 -1.82 6.27
CA SER C 209 46.03 -1.05 7.41
C SER C 209 47.07 0.00 7.70
N ALA C 210 48.29 -0.45 7.96
CA ALA C 210 49.42 0.44 8.23
C ALA C 210 49.66 1.43 7.10
N ASP C 211 49.26 1.06 5.89
CA ASP C 211 49.22 2.01 4.79
C ASP C 211 48.23 3.13 5.10
N ILE C 212 47.09 2.76 5.67
CA ILE C 212 45.99 3.70 5.83
C ILE C 212 46.22 4.60 7.04
N ALA C 213 46.66 4.02 8.14
CA ALA C 213 47.04 4.80 9.31
C ALA C 213 47.97 5.93 8.90
N LYS C 214 48.95 5.55 8.09
CA LYS C 214 49.89 6.46 7.44
C LYS C 214 49.12 7.55 6.72
N ALA C 215 48.10 7.14 5.97
CA ALA C 215 47.36 8.02 5.08
C ALA C 215 46.46 9.00 5.81
N LEU C 216 46.01 8.63 7.01
CA LEU C 216 45.16 9.52 7.78
C LEU C 216 45.88 10.02 9.02
N ALA C 217 47.19 10.23 8.92
CA ALA C 217 47.94 10.69 10.05
C ALA C 217 47.52 12.11 10.46
N ALA D 3 3.60 -0.58 31.20
CA ALA D 3 4.62 -1.15 30.32
C ALA D 3 4.13 -2.42 29.62
N MSE D 4 4.70 -2.75 28.45
CA MSE D 4 4.31 -3.94 27.68
C MSE D 4 5.50 -4.70 27.07
O MSE D 4 6.06 -4.30 26.06
CB MSE D 4 3.29 -3.60 26.57
CG MSE D 4 2.65 -4.79 25.88
SE MSE D 4 1.49 -4.29 24.39
CE MSE D 4 -0.23 -4.49 25.23
N ARG D 5 5.86 -5.80 27.69
CA ARG D 5 7.00 -6.59 27.28
C ARG D 5 6.55 -7.93 26.72
N ILE D 6 6.89 -8.18 25.47
CA ILE D 6 6.42 -9.36 24.77
C ILE D 6 7.56 -10.23 24.26
N ILE D 7 7.43 -11.52 24.47
CA ILE D 7 8.27 -12.48 23.79
C ILE D 7 7.46 -13.05 22.65
N LEU D 8 8.07 -13.08 21.48
CA LEU D 8 7.38 -13.55 20.31
C LEU D 8 8.08 -14.80 19.76
N LEU D 9 7.32 -15.89 19.55
CA LEU D 9 7.84 -17.14 18.98
C LEU D 9 7.08 -17.53 17.73
N GLY D 10 7.74 -18.26 16.82
CA GLY D 10 7.13 -18.64 15.57
C GLY D 10 8.16 -19.15 14.58
N ALA D 11 7.76 -20.19 13.85
CA ALA D 11 8.61 -20.98 12.96
C ALA D 11 9.08 -20.22 11.71
N PRO D 12 10.15 -20.73 11.04
CA PRO D 12 10.70 -20.09 9.83
C PRO D 12 9.77 -20.08 8.62
N GLY D 13 9.25 -18.91 8.27
CA GLY D 13 8.34 -18.80 7.16
C GLY D 13 6.91 -18.69 7.63
N ALA D 14 6.72 -18.57 8.94
CA ALA D 14 5.38 -18.37 9.47
C ALA D 14 4.91 -16.97 9.12
N GLY D 15 5.86 -16.04 9.04
CA GLY D 15 5.55 -14.65 8.78
C GLY D 15 5.01 -13.95 10.01
N LYS D 16 5.55 -14.32 11.16
CA LYS D 16 5.16 -13.67 12.39
C LYS D 16 5.63 -12.23 12.42
N GLY D 17 6.67 -11.94 11.66
CA GLY D 17 7.28 -10.62 11.70
C GLY D 17 6.25 -9.55 11.37
N THR D 18 5.32 -9.93 10.51
CA THR D 18 4.20 -9.09 10.12
C THR D 18 3.47 -8.57 11.35
N GLN D 19 3.24 -9.47 12.28
CA GLN D 19 2.43 -9.14 13.42
C GLN D 19 3.22 -8.27 14.39
N ALA D 20 4.52 -8.57 14.50
CA ALA D 20 5.41 -7.77 15.32
C ALA D 20 5.29 -6.33 14.90
N GLN D 21 5.27 -6.13 13.60
CA GLN D 21 5.10 -4.82 13.02
C GLN D 21 3.87 -4.20 13.56
N PHE D 22 2.77 -4.92 13.38
CA PHE D 22 1.46 -4.45 13.84
C PHE D 22 1.48 -4.01 15.29
N ILE D 23 2.06 -4.84 16.13
CA ILE D 23 2.11 -4.57 17.55
C ILE D 23 3.01 -3.39 17.83
N MSE D 24 4.02 -3.21 17.00
N MSE D 24 4.03 -3.22 17.00
CA MSE D 24 4.87 -2.05 17.16
CA MSE D 24 4.88 -2.06 17.14
C MSE D 24 4.06 -0.85 16.70
C MSE D 24 4.05 -0.87 16.71
O MSE D 24 4.11 0.21 17.31
O MSE D 24 4.06 0.18 17.36
CB MSE D 24 6.12 -2.18 16.33
CB MSE D 24 6.11 -2.19 16.23
CG MSE D 24 7.06 -1.03 16.53
CG MSE D 24 7.00 -0.96 16.22
SE MSE D 24 7.92 -0.63 14.86
SE MSE D 24 6.47 0.40 14.91
CE MSE D 24 6.40 0.14 13.89
CE MSE D 24 6.39 -0.71 13.31
N GLU D 25 3.33 -1.05 15.61
CA GLU D 25 2.48 -0.03 15.04
C GLU D 25 1.41 0.26 16.06
N LYS D 26 0.61 -0.75 16.35
CA LYS D 26 -0.49 -0.61 17.30
C LYS D 26 -0.03 -0.04 18.63
N PHE D 27 0.93 -0.67 19.28
CA PHE D 27 1.22 -0.32 20.65
C PHE D 27 2.47 0.56 20.91
N GLY D 28 3.24 0.89 19.88
CA GLY D 28 4.33 1.85 20.05
C GLY D 28 5.51 1.38 20.90
N ILE D 29 5.77 0.08 20.85
CA ILE D 29 6.91 -0.52 21.54
C ILE D 29 7.79 -1.11 20.43
N PRO D 30 9.11 -0.97 20.55
CA PRO D 30 10.08 -1.37 19.51
C PRO D 30 10.29 -2.89 19.38
N GLN D 31 10.62 -3.31 18.16
CA GLN D 31 10.91 -4.71 17.92
C GLN D 31 12.38 -4.97 18.17
N ILE D 32 12.65 -5.95 19.01
CA ILE D 32 14.01 -6.31 19.35
C ILE D 32 14.35 -7.66 18.78
N SER D 33 15.04 -7.63 17.64
CA SER D 33 15.48 -8.82 16.96
C SER D 33 16.96 -8.96 17.25
N THR D 34 17.30 -10.11 17.76
CA THR D 34 18.60 -10.39 18.33
C THR D 34 19.73 -10.38 17.31
N GLY D 35 19.46 -10.85 16.10
CA GLY D 35 20.45 -10.81 15.06
C GLY D 35 20.82 -9.37 14.83
N ASP D 36 19.80 -8.53 14.86
CA ASP D 36 19.94 -7.16 14.43
C ASP D 36 20.53 -6.30 15.52
N MSE D 37 20.41 -6.75 16.75
CA MSE D 37 20.94 -5.98 17.87
C MSE D 37 22.46 -6.12 17.94
O MSE D 37 23.18 -5.23 18.37
CB MSE D 37 20.32 -6.49 19.15
CG MSE D 37 20.89 -5.96 20.40
SE MSE D 37 20.02 -6.90 21.84
CE MSE D 37 20.80 -8.62 21.53
N LEU D 38 22.90 -7.28 17.49
CA LEU D 38 24.29 -7.68 17.53
C LEU D 38 25.03 -7.11 16.33
N ARG D 39 24.45 -7.31 15.16
CA ARG D 39 25.00 -6.78 13.94
C ARG D 39 25.17 -5.29 14.14
N ALA D 40 24.21 -4.68 14.81
CA ALA D 40 24.34 -3.30 15.19
C ALA D 40 25.57 -3.04 16.07
N ALA D 41 25.74 -3.85 17.12
CA ALA D 41 26.74 -3.57 18.15
C ALA D 41 28.16 -3.67 17.63
N ILE D 42 28.37 -4.54 16.65
CA ILE D 42 29.67 -4.71 16.08
C ILE D 42 30.08 -3.49 15.27
N LYS D 43 29.15 -2.99 14.47
CA LYS D 43 29.42 -1.87 13.57
C LYS D 43 29.64 -0.59 14.34
N ALA D 44 28.97 -0.48 15.47
CA ALA D 44 29.11 0.67 16.34
C ALA D 44 30.43 0.57 17.08
N GLY D 45 30.88 -0.65 17.35
CA GLY D 45 32.12 -0.86 18.07
C GLY D 45 32.03 -0.48 19.53
N THR D 46 30.94 -0.88 20.17
CA THR D 46 30.76 -0.65 21.59
C THR D 46 31.61 -1.66 22.37
N GLU D 47 31.52 -1.58 23.70
CA GLU D 47 32.22 -2.52 24.56
C GLU D 47 31.84 -3.94 24.16
N LEU D 48 30.59 -4.29 24.37
CA LEU D 48 30.08 -5.61 24.05
C LEU D 48 30.27 -6.01 22.58
N GLY D 49 30.24 -5.01 21.71
CA GLY D 49 30.28 -5.21 20.26
C GLY D 49 31.65 -5.63 19.77
N LYS D 50 32.68 -4.94 20.24
CA LYS D 50 34.04 -5.36 19.94
C LYS D 50 34.25 -6.77 20.48
N GLN D 51 33.89 -6.99 21.74
CA GLN D 51 33.90 -8.32 22.33
C GLN D 51 33.17 -9.38 21.50
N ALA D 52 31.94 -9.10 21.14
CA ALA D 52 31.21 -9.96 20.25
C ALA D 52 32.00 -10.11 18.97
N LYS D 53 32.42 -8.99 18.42
CA LYS D 53 33.13 -9.05 17.15
C LYS D 53 34.41 -9.82 17.29
N ALA D 54 35.07 -9.59 18.40
CA ALA D 54 36.19 -10.41 18.78
C ALA D 54 35.77 -11.87 18.65
N VAL D 55 34.84 -12.31 19.50
CA VAL D 55 34.44 -13.73 19.55
C VAL D 55 34.16 -14.33 18.17
N ILE D 56 33.56 -13.55 17.30
CA ILE D 56 33.23 -14.01 15.97
C ILE D 56 34.44 -14.17 15.05
N ASP D 57 35.38 -13.23 15.13
CA ASP D 57 36.55 -13.25 14.26
C ASP D 57 37.57 -14.28 14.70
N ALA D 58 37.23 -15.03 15.73
CA ALA D 58 37.99 -16.19 16.10
C ALA D 58 37.10 -17.39 15.81
N GLY D 59 36.02 -17.15 15.08
CA GLY D 59 35.17 -18.20 14.54
C GLY D 59 34.30 -18.97 15.53
N GLN D 60 33.74 -18.28 16.52
CA GLN D 60 32.89 -18.92 17.54
C GLN D 60 31.52 -18.25 17.73
N LEU D 61 30.61 -18.98 18.38
CA LEU D 61 29.26 -18.50 18.67
C LEU D 61 29.29 -17.46 19.77
N VAL D 62 28.53 -16.39 19.62
CA VAL D 62 28.40 -15.42 20.70
C VAL D 62 27.73 -16.03 21.90
N SER D 63 28.39 -15.96 23.05
CA SER D 63 27.83 -16.54 24.25
C SER D 63 26.63 -15.73 24.73
N ASP D 64 25.93 -16.30 25.68
CA ASP D 64 24.71 -15.74 26.18
C ASP D 64 25.02 -14.54 27.04
N ASP D 65 26.17 -14.55 27.72
CA ASP D 65 26.51 -13.45 28.62
C ASP D 65 26.55 -12.17 27.82
N ILE D 66 26.95 -12.28 26.56
CA ILE D 66 27.09 -11.13 25.70
C ILE D 66 25.76 -10.68 25.20
N ILE D 67 24.98 -11.61 24.67
CA ILE D 67 23.62 -11.32 24.20
C ILE D 67 22.84 -10.55 25.24
N LEU D 68 22.73 -11.13 26.42
CA LEU D 68 22.04 -10.49 27.54
C LEU D 68 22.52 -9.09 27.90
N GLY D 69 23.82 -8.89 27.90
CA GLY D 69 24.38 -7.59 28.19
C GLY D 69 23.85 -6.61 27.18
N LEU D 70 23.75 -7.06 25.94
CA LEU D 70 23.26 -6.20 24.88
C LEU D 70 21.82 -5.90 25.13
N ILE D 71 21.06 -6.95 25.46
CA ILE D 71 19.64 -6.79 25.71
C ILE D 71 19.40 -5.84 26.86
N LYS D 72 20.10 -6.06 27.96
CA LYS D 72 19.98 -5.19 29.11
C LYS D 72 20.28 -3.77 28.72
N GLU D 73 21.37 -3.60 28.00
CA GLU D 73 21.83 -2.31 27.60
C GLU D 73 20.84 -1.69 26.63
N ARG D 74 20.23 -2.52 25.79
CA ARG D 74 19.35 -2.05 24.74
C ARG D 74 18.00 -1.61 25.30
N ILE D 75 17.58 -2.28 26.38
CA ILE D 75 16.29 -2.03 26.99
C ILE D 75 16.40 -1.00 28.09
N ALA D 76 17.62 -0.49 28.26
CA ALA D 76 17.89 0.58 29.21
C ALA D 76 17.51 1.91 28.60
N GLN D 77 17.25 1.92 27.31
CA GLN D 77 17.03 3.17 26.64
C GLN D 77 15.62 3.67 26.77
N ALA D 78 15.44 4.95 26.46
CA ALA D 78 14.19 5.63 26.66
C ALA D 78 13.04 5.02 25.88
N ASP D 79 13.33 4.54 24.68
CA ASP D 79 12.29 4.05 23.79
C ASP D 79 11.65 2.74 24.26
N CYS D 80 12.13 2.22 25.37
CA CYS D 80 11.57 0.99 25.90
C CYS D 80 10.82 1.22 27.20
N GLU D 81 10.58 2.48 27.54
CA GLU D 81 9.88 2.82 28.78
C GLU D 81 8.52 2.14 28.85
N LYS D 82 7.85 2.09 27.71
CA LYS D 82 6.53 1.52 27.60
C LYS D 82 6.59 0.04 27.22
N GLY D 83 7.74 -0.59 27.42
CA GLY D 83 7.91 -2.00 27.09
C GLY D 83 8.59 -2.29 25.77
N PHE D 84 8.35 -3.50 25.25
CA PHE D 84 9.01 -4.01 24.04
C PHE D 84 8.53 -5.39 23.62
N LEU D 85 8.91 -5.77 22.42
CA LEU D 85 8.67 -7.12 21.98
C LEU D 85 10.00 -7.78 21.72
N LEU D 86 10.18 -8.95 22.31
CA LEU D 86 11.39 -9.71 22.06
C LEU D 86 11.16 -10.71 20.94
N ASP D 87 11.99 -10.58 19.92
CA ASP D 87 11.79 -11.26 18.67
C ASP D 87 12.72 -12.46 18.60
N GLY D 88 12.13 -13.65 18.58
CA GLY D 88 12.88 -14.87 18.42
C GLY D 88 13.98 -15.05 19.44
N PHE D 89 13.64 -14.75 20.69
CA PHE D 89 14.56 -14.97 21.78
C PHE D 89 13.73 -15.01 23.04
N PRO D 90 14.09 -15.88 23.99
CA PRO D 90 15.27 -16.75 24.09
C PRO D 90 15.24 -17.88 23.12
N ARG D 91 16.36 -18.58 23.03
CA ARG D 91 16.46 -19.69 22.13
C ARG D 91 16.58 -20.93 22.94
N THR D 92 17.18 -20.78 24.12
CA THR D 92 17.50 -21.90 24.98
C THR D 92 17.02 -21.61 26.38
N ILE D 93 16.86 -22.67 27.15
CA ILE D 93 16.44 -22.55 28.54
C ILE D 93 17.38 -21.72 29.40
N PRO D 94 18.70 -21.94 29.29
CA PRO D 94 19.53 -21.06 30.09
C PRO D 94 19.42 -19.59 29.65
N GLN D 95 18.97 -19.32 28.43
CA GLN D 95 18.73 -17.96 27.98
C GLN D 95 17.46 -17.41 28.57
N ALA D 96 16.42 -18.23 28.51
CA ALA D 96 15.15 -17.87 29.10
C ALA D 96 15.28 -17.52 30.57
N ASP D 97 16.01 -18.35 31.32
CA ASP D 97 16.16 -18.17 32.74
C ASP D 97 17.01 -16.95 32.99
N GLY D 98 17.90 -16.67 32.05
CA GLY D 98 18.71 -15.47 32.10
C GLY D 98 17.89 -14.19 32.00
N LEU D 99 16.94 -14.17 31.06
CA LEU D 99 16.00 -13.06 30.92
C LEU D 99 15.28 -12.80 32.22
N LYS D 100 14.85 -13.89 32.85
CA LYS D 100 14.14 -13.83 34.11
C LYS D 100 14.99 -13.10 35.15
N GLU D 101 16.24 -13.51 35.25
CA GLU D 101 17.17 -12.93 36.21
C GLU D 101 17.44 -11.45 35.95
N MSE D 102 17.15 -11.00 34.74
CA MSE D 102 17.36 -9.61 34.36
C MSE D 102 16.38 -8.69 35.04
O MSE D 102 16.55 -7.47 35.02
CB MSE D 102 17.14 -9.44 32.88
CG MSE D 102 18.30 -9.79 32.01
SE MSE D 102 18.24 -8.45 30.64
CE MSE D 102 18.22 -6.91 31.83
N GLY D 103 15.34 -9.28 35.63
CA GLY D 103 14.27 -8.51 36.23
C GLY D 103 13.16 -8.29 35.22
N ILE D 104 13.25 -9.01 34.12
CA ILE D 104 12.24 -8.96 33.08
C ILE D 104 11.05 -9.78 33.54
N ASN D 105 9.95 -9.10 33.74
CA ASN D 105 8.77 -9.75 34.26
C ASN D 105 7.81 -9.84 33.10
N VAL D 106 8.18 -10.66 32.11
CA VAL D 106 7.41 -10.76 30.87
C VAL D 106 5.91 -10.96 31.09
N ASP D 107 5.13 -10.19 30.34
CA ASP D 107 3.69 -10.13 30.48
C ASP D 107 2.99 -10.92 29.42
N TYR D 108 3.53 -10.93 28.21
CA TYR D 108 2.93 -11.64 27.08
C TYR D 108 3.88 -12.55 26.34
N VAL D 109 3.50 -13.83 26.24
CA VAL D 109 4.20 -14.80 25.42
C VAL D 109 3.28 -15.25 24.31
N ILE D 110 3.61 -14.90 23.08
CA ILE D 110 2.70 -15.19 22.01
C ILE D 110 3.26 -16.19 21.05
N GLU D 111 2.48 -17.22 20.78
CA GLU D 111 2.87 -18.18 19.76
C GLU D 111 2.07 -17.96 18.50
N PHE D 112 2.77 -17.63 17.43
CA PHE D 112 2.17 -17.41 16.12
C PHE D 112 2.14 -18.76 15.42
N ASP D 113 0.97 -19.40 15.41
CA ASP D 113 0.80 -20.72 14.86
C ASP D 113 0.39 -20.66 13.39
N VAL D 114 1.18 -21.31 12.54
CA VAL D 114 0.82 -21.53 11.14
C VAL D 114 1.15 -22.99 10.81
N ALA D 115 0.21 -23.74 10.25
CA ALA D 115 0.43 -25.15 9.92
C ALA D 115 1.65 -25.39 9.04
N ASP D 116 2.28 -26.56 9.22
CA ASP D 116 3.46 -26.93 8.45
C ASP D 116 3.18 -26.98 6.95
N ASP D 117 2.09 -27.63 6.58
CA ASP D 117 1.72 -27.78 5.17
C ASP D 117 1.58 -26.43 4.53
N VAL D 118 1.25 -25.43 5.32
CA VAL D 118 0.99 -24.11 4.78
C VAL D 118 2.29 -23.37 4.49
N ILE D 119 3.25 -23.44 5.42
CA ILE D 119 4.52 -22.74 5.26
C ILE D 119 5.19 -23.12 3.96
N VAL D 120 5.26 -24.42 3.72
CA VAL D 120 5.86 -24.96 2.51
C VAL D 120 5.13 -24.44 1.28
N GLU D 121 3.82 -24.59 1.31
CA GLU D 121 2.95 -24.05 0.29
C GLU D 121 3.36 -22.62 0.03
N ARG D 122 3.54 -21.84 1.10
CA ARG D 122 3.90 -20.45 0.92
C ARG D 122 5.31 -20.31 0.38
N MSE D 123 6.23 -21.11 0.91
CA MSE D 123 7.64 -21.00 0.56
C MSE D 123 7.84 -21.22 -0.92
O MSE D 123 8.60 -20.52 -1.57
CB MSE D 123 8.47 -22.00 1.36
CG MSE D 123 8.58 -21.70 2.82
SE MSE D 123 9.13 -19.87 3.15
CE MSE D 123 7.41 -19.12 3.61
N ALA D 124 7.13 -22.20 -1.45
CA ALA D 124 7.34 -22.62 -2.83
C ALA D 124 7.01 -21.53 -3.84
N GLY D 125 6.18 -20.58 -3.42
CA GLY D 125 5.76 -19.53 -4.32
C GLY D 125 6.79 -18.44 -4.50
N ARG D 126 7.82 -18.49 -3.68
CA ARG D 126 8.86 -17.47 -3.68
C ARG D 126 9.74 -17.55 -4.90
N ARG D 127 10.06 -16.39 -5.46
CA ARG D 127 11.00 -16.33 -6.58
C ARG D 127 12.04 -15.29 -6.19
N ALA D 128 13.22 -15.33 -6.82
CA ALA D 128 14.28 -14.40 -6.39
C ALA D 128 15.05 -13.80 -7.54
N HIS D 129 15.56 -12.60 -7.34
CA HIS D 129 16.59 -12.04 -8.21
C HIS D 129 17.93 -12.20 -7.50
N LEU D 130 18.78 -13.07 -8.01
CA LEU D 130 20.02 -13.39 -7.31
C LEU D 130 21.08 -12.30 -7.29
N PRO D 131 21.23 -11.51 -8.38
CA PRO D 131 22.34 -10.53 -8.32
C PRO D 131 21.97 -9.24 -7.59
N SER D 132 20.75 -9.15 -7.09
CA SER D 132 20.31 -7.96 -6.38
C SER D 132 19.74 -8.36 -5.04
N GLY D 133 19.11 -9.52 -5.02
CA GLY D 133 18.48 -10.03 -3.82
C GLY D 133 16.99 -9.76 -3.86
N ARG D 134 16.54 -9.02 -4.87
CA ARG D 134 15.12 -8.70 -5.01
C ARG D 134 14.27 -9.91 -5.29
N THR D 135 13.38 -10.23 -4.39
CA THR D 135 12.56 -11.42 -4.55
C THR D 135 11.09 -11.07 -4.78
N TYR D 136 10.29 -12.10 -5.06
CA TYR D 136 8.86 -11.94 -5.36
C TYR D 136 8.13 -13.21 -4.91
N HIS D 137 6.81 -13.24 -5.10
CA HIS D 137 6.01 -14.43 -4.79
C HIS D 137 4.85 -14.49 -5.75
N VAL D 138 4.61 -15.69 -6.26
CA VAL D 138 3.63 -15.90 -7.32
C VAL D 138 2.23 -15.49 -6.87
N VAL D 139 2.07 -15.16 -5.59
CA VAL D 139 0.78 -14.78 -5.05
C VAL D 139 0.85 -13.39 -4.41
N TYR D 140 1.67 -13.23 -3.38
CA TYR D 140 1.62 -12.01 -2.58
C TYR D 140 2.44 -10.87 -3.10
N ASN D 141 3.19 -11.12 -4.19
CA ASN D 141 4.07 -10.11 -4.80
C ASN D 141 4.50 -10.47 -6.23
N PRO D 142 3.55 -10.55 -7.17
CA PRO D 142 3.76 -11.18 -8.48
C PRO D 142 4.76 -10.50 -9.43
N PRO D 143 5.49 -11.33 -10.20
CA PRO D 143 6.37 -10.81 -11.24
C PRO D 143 5.46 -10.19 -12.27
N LYS D 144 5.83 -9.02 -12.75
CA LYS D 144 5.01 -8.31 -13.72
C LYS D 144 4.83 -9.23 -14.92
N VAL D 145 5.85 -10.03 -15.21
CA VAL D 145 5.72 -11.13 -16.16
C VAL D 145 6.24 -12.39 -15.52
N GLU D 146 5.36 -13.39 -15.40
CA GLU D 146 5.72 -14.68 -14.83
C GLU D 146 7.14 -15.08 -15.14
N GLY D 147 7.89 -15.44 -14.11
CA GLY D 147 9.21 -16.04 -14.25
C GLY D 147 10.37 -15.14 -14.67
N LYS D 148 10.22 -13.83 -14.52
CA LYS D 148 11.29 -12.91 -14.90
C LYS D 148 11.27 -11.62 -14.08
N ASP D 149 12.42 -10.98 -13.92
CA ASP D 149 12.51 -9.76 -13.12
C ASP D 149 12.23 -8.51 -13.95
N GLU D 154 16.03 -10.40 -16.80
CA GLU D 154 16.76 -11.67 -16.72
C GLU D 154 16.01 -12.67 -15.84
N ASP D 155 16.04 -13.92 -16.27
CA ASP D 155 15.22 -14.99 -15.69
C ASP D 155 15.21 -15.00 -14.16
N LEU D 156 14.03 -15.17 -13.59
CA LEU D 156 13.91 -15.34 -12.16
C LEU D 156 14.03 -16.80 -11.84
N VAL D 157 14.17 -17.11 -10.56
CA VAL D 157 14.35 -18.48 -10.13
C VAL D 157 13.66 -18.75 -8.80
N ILE D 158 13.44 -20.03 -8.50
CA ILE D 158 13.03 -20.46 -7.16
C ILE D 158 14.27 -20.80 -6.32
N ARG D 159 14.38 -20.25 -5.12
CA ARG D 159 15.50 -20.60 -4.25
C ARG D 159 15.38 -22.04 -3.74
N GLU D 160 16.49 -22.76 -3.71
CA GLU D 160 16.48 -24.14 -3.23
C GLU D 160 16.03 -24.21 -1.77
N ASP D 161 16.24 -23.13 -1.01
CA ASP D 161 15.86 -23.12 0.41
C ASP D 161 14.36 -23.17 0.60
N ASP D 162 13.62 -22.52 -0.28
CA ASP D 162 12.19 -22.38 -0.11
C ASP D 162 11.49 -23.57 -0.72
N LYS D 163 12.28 -24.41 -1.37
CA LYS D 163 11.79 -25.68 -1.86
C LYS D 163 11.46 -26.58 -0.67
N GLU D 164 10.44 -27.41 -0.86
CA GLU D 164 9.84 -28.24 0.18
C GLU D 164 10.82 -28.87 1.15
N GLU D 165 11.64 -29.79 0.63
CA GLU D 165 12.57 -30.59 1.43
C GLU D 165 13.42 -29.78 2.39
N THR D 166 13.93 -28.66 1.90
CA THR D 166 14.72 -27.73 2.70
C THR D 166 13.89 -27.02 3.79
N VAL D 167 12.75 -26.48 3.39
CA VAL D 167 11.82 -25.88 4.32
C VAL D 167 11.38 -26.90 5.36
N ARG D 168 11.15 -28.14 4.94
CA ARG D 168 10.72 -29.16 5.90
C ARG D 168 11.74 -29.40 7.01
N ALA D 169 12.98 -29.64 6.61
CA ALA D 169 14.07 -29.91 7.54
C ALA D 169 14.28 -28.76 8.53
N ARG D 170 14.23 -27.54 8.01
CA ARG D 170 14.33 -26.34 8.82
C ARG D 170 13.24 -26.29 9.90
N LEU D 171 12.08 -26.82 9.61
CA LEU D 171 10.98 -26.71 10.54
C LEU D 171 11.07 -27.72 11.67
N ASN D 172 11.37 -28.96 11.34
CA ASN D 172 11.55 -30.00 12.34
C ASN D 172 12.55 -29.63 13.42
N VAL D 173 13.62 -28.97 13.00
CA VAL D 173 14.60 -28.38 13.91
C VAL D 173 14.02 -27.27 14.78
N TYR D 174 13.32 -26.33 14.17
CA TYR D 174 12.60 -25.31 14.92
C TYR D 174 11.62 -25.93 15.90
N HIS D 175 10.88 -26.93 15.46
CA HIS D 175 9.91 -27.54 16.34
C HIS D 175 10.62 -28.17 17.48
N THR D 176 11.77 -28.76 17.17
CA THR D 176 12.55 -29.47 18.17
C THR D 176 13.20 -28.51 19.15
N GLN D 177 13.73 -27.42 18.63
CA GLN D 177 14.39 -26.46 19.50
C GLN D 177 13.45 -25.67 20.41
N THR D 178 12.23 -25.44 19.96
CA THR D 178 11.32 -24.57 20.67
C THR D 178 10.47 -25.28 21.70
N ALA D 179 10.38 -26.61 21.59
CA ALA D 179 9.57 -27.39 22.51
C ALA D 179 9.88 -27.12 23.99
N PRO D 180 11.15 -26.95 24.33
CA PRO D 180 11.28 -26.74 25.77
C PRO D 180 10.90 -25.33 26.21
N LEU D 181 11.02 -24.36 25.29
CA LEU D 181 10.78 -22.96 25.60
C LEU D 181 9.30 -22.80 25.80
N ILE D 182 8.59 -23.42 24.88
CA ILE D 182 7.14 -23.49 24.93
C ILE D 182 6.69 -24.10 26.26
N GLU D 183 7.36 -25.18 26.65
CA GLU D 183 7.15 -25.80 27.96
C GLU D 183 7.45 -24.80 29.09
N TYR D 184 8.62 -24.17 29.02
CA TYR D 184 9.06 -23.18 30.00
C TYR D 184 8.05 -22.06 30.24
N TYR D 185 7.52 -21.52 29.15
CA TYR D 185 6.62 -20.39 29.29
C TYR D 185 5.21 -20.80 29.57
N GLY D 186 4.94 -22.09 29.42
CA GLY D 186 3.66 -22.60 29.85
C GLY D 186 3.65 -22.65 31.36
N LYS D 187 4.77 -23.05 31.93
CA LYS D 187 4.92 -23.09 33.39
C LYS D 187 4.91 -21.69 33.97
N GLU D 188 5.56 -20.76 33.29
CA GLU D 188 5.46 -19.36 33.68
C GLU D 188 4.01 -18.88 33.69
N ALA D 189 3.26 -19.23 32.65
CA ALA D 189 1.85 -18.86 32.55
C ALA D 189 0.97 -19.56 33.58
N ALA D 190 1.33 -20.79 33.93
CA ALA D 190 0.57 -21.61 34.87
C ALA D 190 0.66 -21.05 36.28
N ALA D 191 1.73 -20.31 36.53
CA ALA D 191 1.94 -19.72 37.85
C ALA D 191 1.46 -18.27 37.90
N GLY D 192 0.85 -17.79 36.82
CA GLY D 192 0.40 -16.41 36.78
C GLY D 192 1.49 -15.39 36.49
N LYS D 193 2.67 -15.84 36.07
CA LYS D 193 3.80 -14.93 35.83
C LYS D 193 3.73 -14.24 34.47
N THR D 194 3.08 -14.89 33.52
CA THR D 194 3.03 -14.38 32.18
C THR D 194 1.73 -14.86 31.55
N GLN D 195 1.31 -14.18 30.50
CA GLN D 195 0.08 -14.50 29.79
C GLN D 195 0.44 -15.21 28.49
N TYR D 196 0.06 -16.47 28.35
CA TYR D 196 0.37 -17.17 27.12
C TYR D 196 -0.74 -17.03 26.08
N LEU D 197 -0.40 -16.56 24.89
CA LEU D 197 -1.38 -16.41 23.83
C LEU D 197 -0.95 -17.16 22.56
N LYS D 198 -1.93 -17.71 21.83
CA LYS D 198 -1.64 -18.48 20.63
C LYS D 198 -2.62 -18.14 19.49
N PHE D 199 -2.11 -17.96 18.27
CA PHE D 199 -2.96 -17.51 17.15
C PHE D 199 -2.73 -18.29 15.88
N ASP D 200 -3.82 -18.66 15.22
CA ASP D 200 -3.75 -19.32 13.95
C ASP D 200 -3.37 -18.25 12.93
N GLY D 201 -2.14 -18.33 12.45
CA GLY D 201 -1.62 -17.29 11.60
C GLY D 201 -2.06 -17.57 10.18
N THR D 202 -2.76 -18.66 9.98
CA THR D 202 -3.22 -18.98 8.63
C THR D 202 -4.39 -18.10 8.23
N LYS D 203 -4.94 -17.33 9.18
CA LYS D 203 -6.03 -16.43 8.84
C LYS D 203 -5.46 -15.23 8.16
N GLN D 204 -6.33 -14.42 7.59
CA GLN D 204 -5.90 -13.23 6.89
C GLN D 204 -5.22 -12.30 7.86
N VAL D 205 -4.22 -11.63 7.35
CA VAL D 205 -3.27 -10.92 8.16
C VAL D 205 -3.95 -9.94 9.12
N SER D 206 -4.96 -9.23 8.61
CA SER D 206 -5.61 -8.17 9.35
C SER D 206 -6.53 -8.79 10.38
N GLU D 207 -6.99 -9.98 10.07
CA GLU D 207 -7.86 -10.69 10.97
C GLU D 207 -7.07 -11.22 12.14
N VAL D 208 -5.90 -11.79 11.86
CA VAL D 208 -5.02 -12.22 12.93
C VAL D 208 -4.62 -11.03 13.81
N SER D 209 -4.32 -9.89 13.19
CA SER D 209 -4.00 -8.67 13.92
C SER D 209 -5.12 -8.27 14.87
N ALA D 210 -6.33 -8.29 14.31
CA ALA D 210 -7.56 -8.00 15.03
C ALA D 210 -7.69 -8.87 16.27
N ASP D 211 -7.30 -10.13 16.14
CA ASP D 211 -7.34 -11.05 17.26
C ASP D 211 -6.33 -10.65 18.32
N ILE D 212 -5.23 -10.07 17.89
CA ILE D 212 -4.15 -9.70 18.80
C ILE D 212 -4.44 -8.38 19.48
N ALA D 213 -4.92 -7.42 18.71
CA ALA D 213 -5.33 -6.16 19.27
C ALA D 213 -6.43 -6.39 20.30
N LYS D 214 -7.20 -7.45 20.11
CA LYS D 214 -8.28 -7.76 21.02
C LYS D 214 -7.71 -8.31 22.32
N ALA D 215 -6.61 -9.05 22.20
CA ALA D 215 -5.99 -9.69 23.36
C ALA D 215 -4.99 -8.80 24.10
N LEU D 216 -4.58 -7.71 23.48
CA LEU D 216 -3.56 -6.90 24.09
C LEU D 216 -4.09 -5.62 24.67
N ALA D 217 -5.27 -5.22 24.22
CA ALA D 217 -5.99 -4.05 24.71
C ALA D 217 -5.99 -3.95 26.23
#